data_7A6S
#
_entry.id   7A6S
#
_cell.length_a   105.382
_cell.length_b   105.382
_cell.length_c   159.902
_cell.angle_alpha   90.000
_cell.angle_beta   90.000
_cell.angle_gamma   120.000
#
_symmetry.space_group_name_H-M   'P 32 2 1'
#
loop_
_entity.id
_entity.type
_entity.pdbx_description
1 polymer 'Deoxyhypusine synthase'
2 non-polymer 1,2-ETHANEDIOL
3 non-polymer 'ACETATE ION'
4 non-polymer 'OXAMIC ACID'
5 water water
#
_entity_poly.entity_id   1
_entity_poly.type   'polypeptide(L)'
_entity_poly.pdbx_seq_one_letter_code
;MEGSLEREAPAGALAAVLKHSSTLPPESTQVRGYDFNRGVNYRALLEAFGTTGFQATNFGRAVQQVNAMIEKKLEPLSQD
EDQHADLTQSRRPLTSCTIFLGYTSNLISSGIRETIRYLVQHNMVDVLVTTAGGVEEDLIKCLAPTYLGEFSLRGKELRE
NGINRIGNLLVPSENY(CSS)KFEDWLMPILDQMVMEQNTEGVKWTPSKMIARLGKEINNPESVYYWAQKNHIPVFSPAL
TDGSLGDMIFFHSYKNPGLVLDIVEDLRLINTQAIFAKCTGMIILGGGVVKHHIANANLMRNGADYAVYINTAQEFDGSD
SGARPDEAVSWGKIRVDAQPVKVYADASLVFPLLVAETFAQKMDAFMHEKNED
;
_entity_poly.pdbx_strand_id   A,B
#
# COMPACT_ATOMS: atom_id res chain seq x y z
N SER A 28 1.97 18.71 36.75
CA SER A 28 2.22 19.18 35.40
C SER A 28 3.69 19.49 35.15
N THR A 29 4.19 19.08 33.97
CA THR A 29 5.60 19.24 33.63
C THR A 29 5.88 20.54 32.88
N GLN A 30 6.94 21.20 33.29
CA GLN A 30 7.36 22.43 32.65
C GLN A 30 8.17 22.14 31.39
N VAL A 31 8.06 23.05 30.43
CA VAL A 31 8.90 23.04 29.26
C VAL A 31 10.29 23.53 29.62
N ARG A 32 11.30 22.81 29.14
CA ARG A 32 12.69 23.15 29.36
C ARG A 32 13.54 22.36 28.37
N GLY A 33 14.38 23.03 27.64
CA GLY A 33 15.27 22.32 26.75
C GLY A 33 16.60 22.03 27.39
N TYR A 34 17.35 21.18 26.71
CA TYR A 34 18.69 20.85 27.13
C TYR A 34 19.58 22.09 27.16
N ASP A 35 20.37 22.21 28.23
CA ASP A 35 21.26 23.34 28.45
C ASP A 35 22.68 22.98 28.06
N PHE A 36 23.14 23.50 26.93
CA PHE A 36 24.48 23.18 26.45
C PHE A 36 25.59 23.78 27.30
N ASN A 37 25.27 24.64 28.28
CA ASN A 37 26.28 25.02 29.26
C ASN A 37 26.73 23.81 30.09
N ARG A 38 25.97 22.73 30.10
CA ARG A 38 26.43 21.46 30.68
C ARG A 38 27.47 20.76 29.82
N GLY A 39 27.73 21.26 28.62
CA GLY A 39 28.53 20.51 27.65
C GLY A 39 27.62 19.60 26.85
N VAL A 40 28.23 18.55 26.30
CA VAL A 40 27.49 17.67 25.39
C VAL A 40 27.51 16.23 25.94
N ASN A 41 26.41 15.87 26.59
CA ASN A 41 26.09 14.52 26.98
C ASN A 41 24.86 14.14 26.16
N TYR A 42 25.04 13.24 25.21
CA TYR A 42 23.98 12.84 24.30
C TYR A 42 22.81 12.13 24.92
N ARG A 43 23.17 11.32 25.88
CA ARG A 43 21.97 10.69 26.60
CA ARG A 43 22.01 10.60 26.63
C ARG A 43 21.00 11.73 27.33
N ALA A 44 21.68 12.70 27.95
CA ALA A 44 20.90 13.77 28.57
C ALA A 44 20.22 14.63 27.50
N LEU A 45 20.92 14.86 26.38
CA LEU A 45 20.32 15.61 25.28
CA LEU A 45 20.32 15.61 25.29
C LEU A 45 19.04 14.94 24.79
N LEU A 46 19.09 13.61 24.58
CA LEU A 46 17.92 12.90 24.08
C LEU A 46 16.82 12.85 25.13
N GLU A 47 17.18 12.68 26.40
CA GLU A 47 16.17 12.69 27.46
C GLU A 47 15.42 14.02 27.49
N ALA A 48 16.13 15.10 27.27
CA ALA A 48 15.53 16.44 27.29
C ALA A 48 14.48 16.62 26.20
N PHE A 49 14.44 15.77 25.18
CA PHE A 49 13.42 15.94 24.17
CA PHE A 49 13.41 15.84 24.15
C PHE A 49 12.04 15.87 24.79
N GLY A 50 11.86 15.05 25.83
CA GLY A 50 10.56 14.87 26.45
C GLY A 50 9.95 16.15 26.94
N THR A 51 10.78 17.08 27.40
CA THR A 51 10.29 18.36 27.92
C THR A 51 10.53 19.52 26.95
N THR A 52 10.89 19.25 25.69
CA THR A 52 11.20 20.32 24.74
C THR A 52 9.95 20.76 23.99
N GLY A 53 8.98 19.88 23.83
CA GLY A 53 7.71 20.19 23.22
C GLY A 53 7.60 19.72 21.77
N PHE A 54 6.40 19.87 21.21
CA PHE A 54 6.10 19.54 19.82
C PHE A 54 6.55 18.11 19.54
N GLN A 55 7.18 17.83 18.39
CA GLN A 55 7.47 16.42 18.10
C GLN A 55 8.59 15.87 18.96
N ALA A 56 9.43 16.74 19.53
CA ALA A 56 10.44 16.25 20.47
C ALA A 56 9.78 15.58 21.67
N THR A 57 8.68 16.16 22.17
CA THR A 57 7.94 15.53 23.28
C THR A 57 7.34 14.21 22.85
N ASN A 58 6.77 14.16 21.64
CA ASN A 58 6.23 12.90 21.17
C ASN A 58 7.33 11.85 21.01
N PHE A 59 8.54 12.25 20.61
CA PHE A 59 9.67 11.32 20.59
C PHE A 59 9.91 10.74 21.99
N GLY A 60 9.94 11.61 22.99
CA GLY A 60 10.11 11.12 24.36
C GLY A 60 9.02 10.17 24.75
N ARG A 61 7.78 10.50 24.39
N ARG A 61 7.78 10.50 24.39
CA ARG A 61 6.68 9.59 24.67
CA ARG A 61 6.65 9.61 24.64
C ARG A 61 6.86 8.27 23.93
C ARG A 61 6.84 8.28 23.91
N ALA A 62 7.45 8.30 22.72
CA ALA A 62 7.71 7.06 21.98
C ALA A 62 8.78 6.18 22.65
N VAL A 63 9.89 6.78 23.08
CA VAL A 63 10.85 6.06 23.91
C VAL A 63 10.14 5.33 25.05
N GLN A 64 9.23 6.03 25.74
CA GLN A 64 8.60 5.39 26.90
C GLN A 64 7.73 4.22 26.48
N GLN A 65 6.98 4.36 25.39
CA GLN A 65 6.07 3.31 24.95
CA GLN A 65 6.08 3.29 25.00
C GLN A 65 6.84 2.08 24.46
N VAL A 66 7.95 2.30 23.75
CA VAL A 66 8.74 1.17 23.29
C VAL A 66 9.44 0.49 24.48
N ASN A 67 9.92 1.29 25.42
CA ASN A 67 10.51 0.66 26.61
C ASN A 67 9.44 -0.10 27.39
N ALA A 68 8.20 0.39 27.43
CA ALA A 68 7.14 -0.40 28.04
C ALA A 68 6.95 -1.74 27.30
N MET A 69 6.94 -1.73 25.97
CA MET A 69 6.86 -2.97 25.19
C MET A 69 7.98 -3.93 25.56
N ILE A 70 9.22 -3.43 25.57
CA ILE A 70 10.36 -4.29 25.82
C ILE A 70 10.31 -4.88 27.22
N GLU A 71 9.98 -4.05 28.22
CA GLU A 71 9.89 -4.56 29.58
C GLU A 71 8.80 -5.61 29.71
N LYS A 72 7.66 -5.42 29.03
CA LYS A 72 6.64 -6.46 29.07
C LYS A 72 7.12 -7.72 28.38
N LYS A 73 7.84 -7.59 27.26
CA LYS A 73 8.34 -8.74 26.52
C LYS A 73 9.28 -9.57 27.38
N LEU A 74 10.06 -8.91 28.22
CA LEU A 74 11.08 -9.59 29.02
C LEU A 74 10.51 -10.25 30.28
N GLU A 75 9.25 -10.06 30.58
CA GLU A 75 8.68 -10.76 31.72
C GLU A 75 8.63 -12.25 31.45
N PRO A 76 9.09 -13.11 32.37
CA PRO A 76 8.95 -14.55 32.15
C PRO A 76 7.50 -14.94 31.94
N LEU A 77 7.28 -16.04 31.27
CA LEU A 77 5.94 -16.52 31.17
C LEU A 77 5.95 -18.03 31.30
N SER A 78 4.75 -18.59 31.41
CA SER A 78 4.54 -20.04 31.50
C SER A 78 3.35 -20.43 30.61
N GLN A 79 3.61 -21.21 29.57
CA GLN A 79 2.56 -21.64 28.64
C GLN A 79 3.10 -22.83 27.86
N ASP A 80 2.59 -23.55 26.82
CA ASP A 80 3.09 -24.78 26.18
C ASP A 80 3.32 -24.60 24.71
N ASP A 82 3.50 -26.41 22.85
CA ASP A 82 3.09 -27.24 21.76
C ASP A 82 1.72 -26.80 21.30
N GLN A 83 0.90 -26.34 22.23
CA GLN A 83 -0.45 -25.83 21.94
C GLN A 83 -0.34 -24.60 21.03
N HIS A 84 0.47 -23.70 21.51
CA HIS A 84 0.77 -22.47 20.79
C HIS A 84 1.15 -22.77 19.36
N ALA A 85 2.12 -23.67 19.18
CA ALA A 85 2.63 -23.97 17.86
C ALA A 85 1.57 -24.60 16.96
N ASP A 86 0.59 -25.29 17.53
N ASP A 86 0.58 -25.29 17.54
CA ASP A 86 -0.39 -25.97 16.68
CA ASP A 86 -0.42 -25.98 16.73
C ASP A 86 -1.45 -25.02 16.15
C ASP A 86 -1.43 -25.00 16.15
N LEU A 87 -1.75 -23.94 16.87
CA LEU A 87 -2.77 -23.00 16.46
C LEU A 87 -2.19 -21.81 15.70
N THR A 88 -0.90 -21.52 15.88
CA THR A 88 -0.19 -20.55 15.05
C THR A 88 0.54 -21.20 13.88
N GLN A 89 0.80 -22.50 13.94
CA GLN A 89 1.62 -23.19 12.94
C GLN A 89 2.96 -22.49 12.79
N SER A 90 3.54 -22.15 13.94
CA SER A 90 4.81 -21.45 14.00
C SER A 90 5.73 -22.16 14.99
N ARG A 91 7.02 -22.19 14.65
CA ARG A 91 8.07 -22.62 15.56
C ARG A 91 8.51 -21.54 16.53
N ARG A 92 8.09 -20.29 16.33
CA ARG A 92 8.56 -19.22 17.20
C ARG A 92 7.94 -19.35 18.60
N PRO A 93 8.75 -19.40 19.65
CA PRO A 93 8.18 -19.42 21.00
C PRO A 93 7.48 -18.12 21.32
N LEU A 94 6.40 -18.24 22.10
CA LEU A 94 5.71 -17.07 22.60
C LEU A 94 6.55 -16.36 23.66
N THR A 95 6.41 -15.03 23.71
CA THR A 95 6.94 -14.21 24.80
C THR A 95 5.78 -13.44 25.45
N SER A 96 6.11 -12.67 26.48
CA SER A 96 5.07 -11.91 27.15
C SER A 96 4.59 -10.72 26.31
N CYS A 97 5.30 -10.36 25.24
CA CYS A 97 4.79 -9.32 24.33
C CYS A 97 5.29 -9.57 22.91
N THR A 98 4.34 -9.72 22.00
CA THR A 98 4.63 -9.93 20.58
C THR A 98 4.70 -8.57 19.88
N ILE A 99 5.85 -8.24 19.34
CA ILE A 99 6.10 -6.92 18.74
C ILE A 99 6.06 -7.07 17.24
N PHE A 100 5.15 -6.32 16.61
CA PHE A 100 5.04 -6.23 15.16
C PHE A 100 5.80 -4.98 14.71
N LEU A 101 6.75 -5.14 13.81
CA LEU A 101 7.49 -4.03 13.22
C LEU A 101 7.15 -3.93 11.75
N GLY A 102 6.65 -2.76 11.34
CA GLY A 102 6.27 -2.53 9.95
C GLY A 102 6.98 -1.31 9.40
N TYR A 103 7.35 -1.39 8.11
CA TYR A 103 8.14 -0.35 7.47
C TYR A 103 7.92 -0.39 5.96
N THR A 104 7.98 0.78 5.36
CA THR A 104 7.82 0.91 3.93
C THR A 104 9.16 0.67 3.24
N SER A 105 9.08 0.41 1.94
N SER A 105 9.06 0.38 1.95
CA SER A 105 10.24 0.03 1.15
CA SER A 105 10.19 0.07 1.06
C SER A 105 11.34 1.07 1.19
C SER A 105 11.33 1.08 0.98
N ASN A 106 10.98 2.36 1.12
CA ASN A 106 12.03 3.37 1.04
C ASN A 106 12.99 3.27 2.22
N LEU A 107 12.51 2.80 3.37
CA LEU A 107 13.38 2.73 4.53
C LEU A 107 14.37 1.58 4.41
N ILE A 108 14.08 0.57 3.58
CA ILE A 108 15.07 -0.49 3.30
C ILE A 108 16.09 -0.01 2.29
N SER A 109 15.69 0.93 1.39
CA SER A 109 16.67 1.60 0.54
C SER A 109 17.58 2.51 1.32
N SER A 110 17.08 3.12 2.39
CA SER A 110 17.89 3.96 3.25
C SER A 110 18.79 3.12 4.17
N GLY A 111 19.60 3.82 4.98
CA GLY A 111 20.39 3.17 6.03
C GLY A 111 19.58 2.62 7.18
N ILE A 112 18.27 2.89 7.24
CA ILE A 112 17.44 2.27 8.27
C ILE A 112 17.38 0.76 8.06
N ARG A 113 17.80 0.28 6.88
CA ARG A 113 18.01 -1.15 6.66
C ARG A 113 18.93 -1.74 7.75
N GLU A 114 20.05 -1.07 8.05
CA GLU A 114 20.94 -1.54 9.11
C GLU A 114 20.26 -1.52 10.48
N THR A 115 19.44 -0.51 10.75
CA THR A 115 18.75 -0.44 12.04
C THR A 115 17.78 -1.60 12.22
N ILE A 116 17.01 -1.88 11.17
CA ILE A 116 16.04 -2.95 11.21
C ILE A 116 16.77 -4.30 11.29
N ARG A 117 17.87 -4.42 10.56
CA ARG A 117 18.60 -5.70 10.56
C ARG A 117 19.11 -6.02 11.95
N TYR A 118 19.60 -4.99 12.66
CA TYR A 118 20.08 -5.15 14.02
C TYR A 118 18.98 -5.72 14.93
N LEU A 119 17.78 -5.13 14.87
CA LEU A 119 16.70 -5.62 15.73
C LEU A 119 16.31 -7.07 15.42
N VAL A 120 16.28 -7.41 14.15
CA VAL A 120 15.92 -8.77 13.72
C VAL A 120 17.03 -9.77 14.06
N GLN A 121 18.29 -9.40 13.79
CA GLN A 121 19.44 -10.22 14.16
C GLN A 121 19.42 -10.67 15.62
N HIS A 122 18.97 -9.80 16.53
CA HIS A 122 18.98 -10.07 17.96
C HIS A 122 17.62 -10.42 18.49
N ASN A 123 16.70 -10.82 17.60
CA ASN A 123 15.41 -11.40 17.99
C ASN A 123 14.60 -10.46 18.85
N MET A 124 14.75 -9.15 18.63
CA MET A 124 14.06 -8.16 19.47
C MET A 124 12.63 -7.89 19.02
N VAL A 125 12.23 -8.28 17.81
CA VAL A 125 10.84 -8.17 17.38
C VAL A 125 10.41 -9.55 16.88
N ASP A 126 9.09 -9.71 16.72
CA ASP A 126 8.52 -11.03 16.46
C ASP A 126 7.92 -11.21 15.07
N VAL A 127 7.45 -10.14 14.45
CA VAL A 127 6.78 -10.20 13.16
C VAL A 127 7.21 -8.96 12.37
N LEU A 128 7.56 -9.15 11.10
CA LEU A 128 7.84 -8.05 10.19
C LEU A 128 6.76 -7.91 9.14
N VAL A 129 6.46 -6.65 8.78
CA VAL A 129 5.51 -6.38 7.70
C VAL A 129 6.12 -5.27 6.85
N THR A 130 6.25 -5.50 5.53
CA THR A 130 6.78 -4.49 4.63
C THR A 130 6.07 -4.57 3.28
N THR A 131 6.51 -3.73 2.34
N THR A 131 5.95 -3.30 2.85
CA THR A 131 6.09 -3.86 0.95
CA THR A 131 5.27 -2.89 1.63
C THR A 131 7.15 -4.58 0.12
C THR A 131 5.99 -3.29 0.33
N ALA A 132 6.84 -4.94 -1.11
N ALA A 132 5.38 -2.97 -0.81
CA ALA A 132 7.75 -5.77 -1.91
CA ALA A 132 5.93 -3.32 -2.12
C ALA A 132 9.04 -5.09 -2.18
C ALA A 132 7.40 -2.92 -2.27
N GLY A 133 9.01 -3.79 -2.35
N GLY A 133 8.27 -3.92 -2.28
CA GLY A 133 10.25 -3.15 -2.53
CA GLY A 133 9.71 -3.72 -2.42
C GLY A 133 11.03 -3.40 -1.26
C GLY A 133 10.61 -4.19 -1.27
N GLY A 134 10.35 -3.55 -0.14
CA GLY A 134 11.04 -3.64 1.14
C GLY A 134 11.71 -4.99 1.37
N VAL A 135 11.39 -5.98 0.54
CA VAL A 135 12.05 -7.30 0.54
C VAL A 135 13.24 -7.24 -0.39
N GLU A 136 12.99 -6.99 -1.67
CA GLU A 136 14.04 -7.10 -2.69
C GLU A 136 15.18 -6.11 -2.49
N GLU A 137 14.90 -4.87 -2.04
CA GLU A 137 16.03 -3.96 -1.88
C GLU A 137 17.01 -4.39 -0.78
N ASP A 138 16.56 -5.14 0.22
CA ASP A 138 17.49 -5.69 1.21
C ASP A 138 18.40 -6.74 0.56
N LEU A 139 17.81 -7.57 -0.29
CA LEU A 139 18.56 -8.64 -0.94
C LEU A 139 19.54 -8.09 -1.94
N ILE A 140 19.12 -7.07 -2.72
CA ILE A 140 19.98 -6.49 -3.74
C ILE A 140 21.19 -5.81 -3.14
N LYS A 141 21.02 -5.17 -1.96
CA LYS A 141 22.14 -4.51 -1.31
C LYS A 141 23.25 -5.49 -0.93
N CYS A 142 22.96 -6.77 -0.85
CA CYS A 142 24.01 -7.77 -0.65
C CYS A 142 24.79 -8.06 -1.93
N LEU A 143 24.26 -7.63 -3.09
CA LEU A 143 24.94 -7.77 -4.37
C LEU A 143 25.58 -6.49 -4.84
N ALA A 144 24.98 -5.32 -4.54
CA ALA A 144 25.52 -4.07 -5.02
C ALA A 144 24.89 -2.92 -4.22
N PRO A 145 25.60 -1.81 -4.06
CA PRO A 145 25.11 -0.77 -3.16
C PRO A 145 24.13 0.20 -3.81
N THR A 146 23.44 0.92 -2.93
CA THR A 146 22.65 2.11 -3.21
C THR A 146 23.51 3.32 -2.86
N TYR A 147 23.33 4.40 -3.63
CA TYR A 147 24.16 5.58 -3.52
C TYR A 147 23.33 6.81 -3.14
N LEU A 148 24.04 7.80 -2.62
CA LEU A 148 23.46 9.10 -2.33
C LEU A 148 23.38 9.95 -3.58
N GLY A 149 22.29 10.70 -3.69
CA GLY A 149 22.10 11.62 -4.80
C GLY A 149 21.33 12.82 -4.28
N GLU A 150 20.31 13.25 -5.01
CA GLU A 150 19.54 14.43 -4.62
C GLU A 150 18.12 14.29 -5.16
N PHE A 151 17.16 14.85 -4.42
CA PHE A 151 15.76 14.80 -4.85
C PHE A 151 15.57 15.47 -6.22
N SER A 152 16.38 16.49 -6.49
CA SER A 152 16.24 17.40 -7.63
C SER A 152 16.61 16.77 -8.97
N LEU A 153 17.27 15.61 -8.99
CA LEU A 153 17.87 15.13 -10.22
C LEU A 153 16.79 14.74 -11.22
N ARG A 154 16.97 15.14 -12.47
CA ARG A 154 15.92 14.99 -13.47
C ARG A 154 15.89 13.57 -14.04
N GLY A 155 14.67 13.03 -14.17
CA GLY A 155 14.51 11.64 -14.59
C GLY A 155 15.03 11.36 -15.97
N LYS A 156 14.93 12.32 -16.89
CA LYS A 156 15.41 12.10 -18.25
C LYS A 156 16.89 11.75 -18.25
N GLU A 157 17.72 12.59 -17.61
CA GLU A 157 19.16 12.34 -17.63
CA GLU A 157 19.16 12.35 -17.62
C GLU A 157 19.51 11.09 -16.83
N LEU A 158 18.85 10.86 -15.70
CA LEU A 158 19.10 9.64 -14.93
C LEU A 158 18.80 8.40 -15.75
N ARG A 159 17.63 8.37 -16.39
CA ARG A 159 17.23 7.23 -17.21
C ARG A 159 18.20 6.99 -18.35
N GLU A 160 18.68 8.06 -18.98
CA GLU A 160 19.64 7.91 -20.07
C GLU A 160 20.95 7.28 -19.61
N ASN A 161 21.25 7.37 -18.32
CA ASN A 161 22.48 6.81 -17.77
C ASN A 161 22.22 5.55 -16.94
N GLY A 162 21.04 4.95 -17.07
CA GLY A 162 20.77 3.71 -16.38
C GLY A 162 20.72 3.81 -14.88
N ILE A 163 20.24 4.94 -14.35
CA ILE A 163 20.14 5.14 -12.90
C ILE A 163 18.71 5.47 -12.54
N ASN A 164 18.24 4.82 -11.49
CA ASN A 164 16.89 4.98 -10.96
C ASN A 164 16.90 5.71 -9.62
N ARG A 165 15.98 6.65 -9.45
CA ARG A 165 15.98 7.50 -8.28
C ARG A 165 14.96 7.03 -7.26
N ILE A 166 15.38 7.06 -5.99
CA ILE A 166 14.49 6.75 -4.86
C ILE A 166 14.70 7.89 -3.86
N GLY A 167 13.81 8.89 -3.89
CA GLY A 167 14.04 10.05 -3.03
C GLY A 167 15.33 10.74 -3.43
N ASN A 168 16.26 10.91 -2.47
CA ASN A 168 17.59 11.42 -2.77
C ASN A 168 18.63 10.29 -2.84
N LEU A 169 18.17 9.07 -3.08
CA LEU A 169 19.00 7.89 -3.29
C LEU A 169 18.97 7.48 -4.77
N LEU A 170 19.93 6.64 -5.14
CA LEU A 170 20.15 6.24 -6.52
C LEU A 170 20.59 4.78 -6.57
N VAL A 171 19.91 4.00 -7.41
CA VAL A 171 20.22 2.59 -7.62
CA VAL A 171 20.23 2.59 -7.62
C VAL A 171 20.50 2.38 -9.09
N PRO A 172 21.71 1.95 -9.48
CA PRO A 172 21.97 1.68 -10.90
C PRO A 172 21.05 0.55 -11.36
N SER A 173 20.69 0.58 -12.63
CA SER A 173 19.84 -0.46 -13.17
C SER A 173 20.53 -1.78 -13.14
N GLU A 174 21.82 -1.76 -13.30
CA GLU A 174 22.55 -3.02 -13.29
C GLU A 174 22.28 -3.81 -12.00
N ASN A 175 21.94 -3.11 -10.92
CA ASN A 175 21.63 -3.78 -9.65
C ASN A 175 20.56 -4.84 -9.83
N TYR A 176 19.55 -4.54 -10.65
CA TYR A 176 18.44 -5.43 -10.90
C TYR A 176 18.81 -6.54 -11.86
N LYS A 178 21.90 -7.96 -11.77
CA LYS A 178 22.55 -8.88 -10.81
C LYS A 178 21.50 -9.63 -9.98
N PHE A 179 20.46 -8.90 -9.56
CA PHE A 179 19.36 -9.52 -8.83
C PHE A 179 18.70 -10.62 -9.67
N GLU A 180 18.45 -10.33 -10.94
CA GLU A 180 17.82 -11.33 -11.81
C GLU A 180 18.68 -12.59 -11.89
N ASP A 181 19.97 -12.44 -12.17
CA ASP A 181 20.86 -13.58 -12.26
C ASP A 181 20.84 -14.40 -10.98
N TRP A 182 20.81 -13.74 -9.82
CA TRP A 182 20.81 -14.43 -8.53
C TRP A 182 19.51 -15.16 -8.31
N LEU A 183 18.42 -14.58 -8.75
CA LEU A 183 17.10 -15.08 -8.38
C LEU A 183 16.59 -16.20 -9.28
N MET A 184 16.89 -16.18 -10.58
CA MET A 184 16.24 -17.14 -11.49
C MET A 184 16.44 -18.58 -11.06
N PRO A 185 17.64 -19.02 -10.65
CA PRO A 185 17.82 -20.43 -10.22
C PRO A 185 17.04 -20.79 -9.00
N ILE A 186 16.77 -19.81 -8.12
CA ILE A 186 15.99 -20.11 -6.93
C ILE A 186 14.55 -20.29 -7.30
N LEU A 187 14.02 -19.40 -8.17
CA LEU A 187 12.67 -19.60 -8.66
C LEU A 187 12.49 -20.98 -9.31
N ASP A 188 13.47 -21.43 -10.08
CA ASP A 188 13.40 -22.79 -10.68
C ASP A 188 13.23 -23.84 -9.58
N GLN A 189 14.01 -23.74 -8.51
N GLN A 189 13.98 -23.70 -8.48
CA GLN A 189 13.86 -24.68 -7.41
CA GLN A 189 13.84 -24.69 -7.41
C GLN A 189 12.47 -24.58 -6.82
C GLN A 189 12.49 -24.57 -6.74
N MET A 190 11.96 -23.37 -6.61
CA MET A 190 10.70 -23.24 -5.94
C MET A 190 9.58 -23.87 -6.74
N VAL A 191 9.60 -23.70 -8.07
CA VAL A 191 8.58 -24.33 -8.87
C VAL A 191 8.69 -25.85 -8.76
N MET A 192 9.90 -26.36 -8.84
CA MET A 192 10.11 -27.81 -8.72
CA MET A 192 10.08 -27.81 -8.74
C MET A 192 9.62 -28.34 -7.38
N GLU A 193 9.95 -27.65 -6.28
CA GLU A 193 9.52 -28.12 -4.97
C GLU A 193 8.02 -28.04 -4.80
N GLN A 194 7.37 -27.10 -5.49
CA GLN A 194 5.93 -26.96 -5.41
C GLN A 194 5.23 -28.12 -6.12
N ASN A 195 5.72 -28.50 -7.29
CA ASN A 195 5.04 -29.46 -8.14
C ASN A 195 5.37 -30.89 -7.78
N THR A 196 6.46 -31.12 -7.03
CA THR A 196 6.83 -32.48 -6.63
C THR A 196 6.95 -32.72 -5.14
N GLU A 197 7.29 -31.70 -4.33
CA GLU A 197 7.39 -31.87 -2.89
C GLU A 197 6.22 -31.27 -2.13
N GLY A 198 5.14 -30.92 -2.82
CA GLY A 198 3.94 -30.45 -2.18
C GLY A 198 3.99 -29.03 -1.60
N VAL A 199 5.09 -28.28 -1.78
CA VAL A 199 5.18 -26.97 -1.15
C VAL A 199 4.09 -26.06 -1.68
N LYS A 200 3.33 -25.45 -0.77
CA LYS A 200 2.28 -24.48 -1.09
C LYS A 200 2.82 -23.09 -0.72
N TRP A 201 3.38 -22.42 -1.70
CA TRP A 201 4.07 -21.16 -1.45
C TRP A 201 3.14 -19.99 -1.11
N THR A 202 3.63 -19.12 -0.23
CA THR A 202 3.03 -17.85 0.17
C THR A 202 4.13 -16.80 0.18
N PRO A 203 3.79 -15.50 0.23
CA PRO A 203 4.88 -14.52 0.31
C PRO A 203 5.82 -14.76 1.48
N SER A 204 5.29 -14.98 2.68
CA SER A 204 6.18 -15.14 3.83
C SER A 204 7.10 -16.34 3.65
N LYS A 205 6.58 -17.43 3.11
CA LYS A 205 7.43 -18.59 2.88
CA LYS A 205 7.44 -18.59 2.88
C LYS A 205 8.50 -18.28 1.86
N MET A 206 8.16 -17.48 0.88
CA MET A 206 9.12 -17.12 -0.11
C MET A 206 10.18 -16.21 0.45
N ILE A 207 9.78 -15.25 1.25
CA ILE A 207 10.74 -14.31 1.83
C ILE A 207 11.74 -15.04 2.73
N ALA A 208 11.27 -16.02 3.47
CA ALA A 208 12.18 -16.86 4.27
C ALA A 208 13.18 -17.57 3.38
N ARG A 209 12.71 -18.12 2.26
CA ARG A 209 13.63 -18.85 1.39
C ARG A 209 14.65 -17.90 0.80
N LEU A 210 14.22 -16.70 0.41
CA LEU A 210 15.20 -15.80 -0.17
C LEU A 210 16.23 -15.36 0.85
N GLY A 211 15.80 -15.15 2.11
CA GLY A 211 16.77 -14.77 3.14
C GLY A 211 17.76 -15.89 3.41
N LYS A 212 17.28 -17.13 3.42
CA LYS A 212 18.18 -18.28 3.53
C LYS A 212 19.18 -18.30 2.38
N GLU A 213 18.71 -18.08 1.14
CA GLU A 213 19.61 -18.14 0.00
C GLU A 213 20.62 -17.02 -0.03
N ILE A 214 20.20 -15.78 0.34
CA ILE A 214 21.17 -14.71 0.24
C ILE A 214 22.34 -14.96 1.19
N ASN A 215 22.07 -15.59 2.31
CA ASN A 215 23.15 -16.12 3.16
C ASN A 215 24.21 -15.08 3.46
N ASN A 216 23.78 -13.95 4.00
CA ASN A 216 24.65 -12.80 4.14
C ASN A 216 24.20 -12.08 5.41
N PRO A 217 25.09 -11.91 6.40
CA PRO A 217 24.67 -11.34 7.69
C PRO A 217 24.34 -9.85 7.63
N GLU A 218 24.49 -9.22 6.48
CA GLU A 218 24.04 -7.85 6.30
CA GLU A 218 24.04 -7.84 6.28
C GLU A 218 22.56 -7.76 5.96
N SER A 219 21.93 -8.88 5.64
CA SER A 219 20.54 -8.91 5.17
C SER A 219 19.55 -9.07 6.32
N VAL A 220 18.54 -8.20 6.33
CA VAL A 220 17.39 -8.33 7.24
C VAL A 220 16.77 -9.71 7.15
N TYR A 221 16.52 -10.19 5.92
CA TYR A 221 15.72 -11.40 5.75
C TYR A 221 16.53 -12.66 6.02
N TYR A 222 17.85 -12.60 5.84
CA TYR A 222 18.69 -13.68 6.34
C TYR A 222 18.48 -13.86 7.84
N TRP A 223 18.60 -12.77 8.62
CA TRP A 223 18.40 -12.90 10.05
C TRP A 223 16.97 -13.29 10.40
N ALA A 224 15.96 -12.78 9.68
CA ALA A 224 14.58 -13.08 10.06
C ALA A 224 14.31 -14.59 9.97
N GLN A 225 14.76 -15.23 8.89
CA GLN A 225 14.43 -16.64 8.76
C GLN A 225 15.25 -17.48 9.74
N LYS A 226 16.51 -17.10 9.95
CA LYS A 226 17.32 -17.78 10.96
C LYS A 226 16.67 -17.76 12.34
N ASN A 227 16.05 -16.63 12.71
CA ASN A 227 15.45 -16.48 14.03
C ASN A 227 13.99 -16.79 14.05
N HIS A 228 13.44 -17.31 12.94
CA HIS A 228 12.02 -17.66 12.89
C HIS A 228 11.09 -16.47 13.07
N ILE A 229 11.49 -15.33 12.51
CA ILE A 229 10.66 -14.13 12.48
C ILE A 229 9.99 -14.10 11.11
N PRO A 230 8.67 -14.28 11.02
CA PRO A 230 8.00 -14.27 9.72
C PRO A 230 7.88 -12.86 9.17
N VAL A 231 7.88 -12.76 7.84
CA VAL A 231 7.76 -11.50 7.11
C VAL A 231 6.49 -11.59 6.26
N PHE A 232 5.55 -10.67 6.50
CA PHE A 232 4.33 -10.59 5.71
C PHE A 232 4.41 -9.39 4.77
N SER A 233 3.95 -9.60 3.53
CA SER A 233 4.03 -8.68 2.39
C SER A 233 2.98 -9.12 1.37
N PRO A 234 1.70 -8.88 1.63
CA PRO A 234 0.66 -9.44 0.75
C PRO A 234 0.67 -8.85 -0.67
N ALA A 235 1.28 -7.68 -0.88
CA ALA A 235 1.54 -7.15 -2.23
C ALA A 235 2.98 -7.41 -2.69
N LEU A 236 3.52 -8.62 -2.42
CA LEU A 236 4.93 -8.89 -2.71
C LEU A 236 5.25 -8.76 -4.20
N THR A 237 4.26 -8.96 -5.06
CA THR A 237 4.49 -8.95 -6.50
C THR A 237 4.59 -7.53 -7.07
N ASP A 238 4.47 -6.53 -6.23
CA ASP A 238 4.35 -5.17 -6.73
C ASP A 238 5.71 -4.48 -6.68
N GLY A 239 6.63 -5.01 -7.46
CA GLY A 239 7.94 -4.44 -7.54
C GLY A 239 8.80 -5.22 -8.50
N SER A 240 10.10 -5.08 -8.29
CA SER A 240 11.10 -5.75 -9.11
CA SER A 240 11.07 -5.75 -9.14
C SER A 240 11.05 -7.27 -8.94
N LEU A 241 10.68 -7.71 -7.75
CA LEU A 241 10.57 -9.11 -7.47
C LEU A 241 9.41 -9.61 -8.33
N GLY A 242 8.31 -8.90 -8.30
CA GLY A 242 7.19 -9.19 -9.18
C GLY A 242 7.61 -9.29 -10.63
N ASP A 243 8.37 -8.30 -11.10
CA ASP A 243 8.90 -8.33 -12.46
C ASP A 243 9.54 -9.66 -12.77
N MET A 244 10.47 -10.07 -11.91
N MET A 244 10.52 -10.02 -11.96
CA MET A 244 11.29 -11.24 -12.19
CA MET A 244 11.27 -11.23 -12.14
C MET A 244 10.44 -12.50 -12.13
C MET A 244 10.39 -12.46 -12.16
N ILE A 245 9.48 -12.55 -11.22
CA ILE A 245 8.57 -13.68 -11.18
C ILE A 245 7.77 -13.76 -12.46
N PHE A 246 7.32 -12.60 -12.96
CA PHE A 246 6.59 -12.52 -14.22
C PHE A 246 7.43 -13.04 -15.37
N PHE A 247 8.64 -12.50 -15.53
CA PHE A 247 9.46 -12.94 -16.63
C PHE A 247 9.79 -14.41 -16.49
N HIS A 248 10.05 -14.85 -15.25
CA HIS A 248 10.41 -16.25 -15.02
C HIS A 248 9.28 -17.18 -15.40
N SER A 249 8.04 -16.76 -15.17
CA SER A 249 6.88 -17.63 -15.38
C SER A 249 6.66 -17.98 -16.86
N TYR A 250 7.28 -17.24 -17.79
CA TYR A 250 7.22 -17.62 -19.20
C TYR A 250 8.34 -18.56 -19.61
N LYS A 251 9.42 -18.61 -18.83
CA LYS A 251 10.47 -19.60 -18.95
C LYS A 251 10.19 -20.85 -18.12
N ASN A 252 9.39 -20.74 -17.08
CA ASN A 252 9.16 -21.87 -16.19
C ASN A 252 7.82 -21.68 -15.51
N PRO A 253 6.75 -22.01 -16.21
CA PRO A 253 5.41 -21.74 -15.68
C PRO A 253 5.13 -22.57 -14.43
N GLY A 254 4.21 -22.08 -13.63
CA GLY A 254 3.72 -22.86 -12.51
C GLY A 254 3.64 -22.18 -11.14
N LEU A 255 4.54 -21.26 -10.84
CA LEU A 255 4.63 -20.73 -9.49
C LEU A 255 3.30 -20.10 -9.09
N VAL A 256 2.77 -20.52 -7.94
CA VAL A 256 1.61 -19.93 -7.30
C VAL A 256 2.05 -19.32 -5.97
N LEU A 257 1.61 -18.09 -5.68
CA LEU A 257 1.78 -17.49 -4.35
C LEU A 257 0.41 -17.18 -3.75
N ASP A 258 0.07 -17.91 -2.69
CA ASP A 258 -1.22 -17.79 -2.03
C ASP A 258 -1.12 -16.76 -0.91
N ILE A 259 -2.09 -15.84 -0.83
CA ILE A 259 -2.14 -14.89 0.27
C ILE A 259 -3.11 -15.31 1.36
N VAL A 260 -3.95 -16.31 1.11
CA VAL A 260 -4.91 -16.65 2.16
C VAL A 260 -4.19 -17.31 3.35
N GLU A 261 -3.32 -18.21 3.00
CA GLU A 261 -2.58 -18.88 4.20
CA GLU A 261 -2.56 -18.97 4.15
C GLU A 261 -1.70 -17.87 5.07
N ASP A 262 -1.12 -16.89 4.36
CA ASP A 262 -0.39 -15.86 5.11
C ASP A 262 -1.32 -15.02 5.99
N LEU A 263 -2.56 -14.81 5.55
CA LEU A 263 -3.54 -14.16 6.42
C LEU A 263 -3.76 -14.94 7.70
N ARG A 264 -3.87 -16.28 7.60
CA ARG A 264 -4.09 -17.09 8.80
C ARG A 264 -2.89 -17.03 9.72
N LEU A 265 -1.69 -17.05 9.15
CA LEU A 265 -0.46 -17.02 9.93
C LEU A 265 -0.29 -15.69 10.68
N ILE A 266 -0.57 -14.55 10.04
CA ILE A 266 -0.33 -13.28 10.74
C ILE A 266 -1.40 -13.06 11.80
N ASN A 267 -2.65 -13.36 11.46
CA ASN A 267 -3.74 -13.17 12.41
C ASN A 267 -3.56 -14.06 13.63
N THR A 268 -3.04 -15.28 13.46
CA THR A 268 -2.85 -16.14 14.63
C THR A 268 -1.71 -15.65 15.50
N GLN A 269 -0.69 -15.00 14.92
CA GLN A 269 0.33 -14.36 15.74
C GLN A 269 -0.27 -13.35 16.72
N ALA A 270 -1.34 -12.67 16.31
CA ALA A 270 -1.99 -11.66 17.14
C ALA A 270 -2.97 -12.28 18.12
N ILE A 271 -3.75 -13.26 17.66
CA ILE A 271 -4.81 -13.82 18.48
C ILE A 271 -4.25 -14.51 19.72
N PHE A 272 -3.15 -15.24 19.57
CA PHE A 272 -2.57 -16.02 20.64
C PHE A 272 -1.39 -15.34 21.30
N ALA A 273 -1.35 -14.00 21.23
CA ALA A 273 -0.37 -13.23 21.94
C ALA A 273 -0.84 -12.93 23.36
N LYS A 274 0.10 -12.89 24.30
CA LYS A 274 -0.23 -12.37 25.64
C LYS A 274 -0.47 -10.88 25.59
N CYS A 275 0.46 -10.16 24.97
CA CYS A 275 0.43 -8.71 24.77
CA CYS A 275 0.35 -8.72 24.75
C CYS A 275 0.94 -8.42 23.37
N THR A 276 0.51 -7.30 22.77
CA THR A 276 1.09 -6.92 21.48
C THR A 276 1.48 -5.45 21.47
N GLY A 277 2.61 -5.16 20.83
CA GLY A 277 2.97 -3.82 20.45
C GLY A 277 3.20 -3.70 18.95
N MET A 278 2.93 -2.50 18.43
CA MET A 278 3.14 -2.16 17.03
C MET A 278 4.12 -0.99 16.96
N ILE A 279 5.17 -1.18 16.16
CA ILE A 279 6.07 -0.10 15.80
C ILE A 279 5.96 0.00 14.29
N ILE A 280 5.43 1.12 13.79
CA ILE A 280 5.09 1.23 12.38
C ILE A 280 5.78 2.44 11.78
N LEU A 281 6.65 2.21 10.80
CA LEU A 281 7.37 3.28 10.11
C LEU A 281 6.80 3.50 8.71
N GLY A 282 6.23 4.70 8.48
CA GLY A 282 5.46 4.99 7.28
C GLY A 282 4.00 4.55 7.28
N GLY A 283 3.38 4.63 6.10
CA GLY A 283 1.96 4.28 5.94
C GLY A 283 1.64 3.11 5.03
N GLY A 284 0.49 3.20 4.41
CA GLY A 284 0.12 2.21 3.44
C GLY A 284 -0.25 0.85 3.99
N VAL A 285 -0.07 -0.17 3.19
CA VAL A 285 -0.42 -1.51 3.55
C VAL A 285 0.31 -2.01 4.80
N VAL A 286 1.56 -1.68 5.06
N VAL A 286 1.56 -1.64 5.02
CA VAL A 286 2.28 -2.10 6.26
CA VAL A 286 2.23 -2.09 6.21
C VAL A 286 1.56 -1.60 7.51
C VAL A 286 1.52 -1.60 7.46
N LYS A 287 1.03 -0.38 7.44
CA LYS A 287 0.32 0.19 8.58
C LYS A 287 -1.01 -0.52 8.79
N HIS A 288 -1.77 -0.67 7.73
CA HIS A 288 -3.07 -1.28 7.81
C HIS A 288 -3.05 -2.77 8.18
N HIS A 289 -2.19 -3.55 7.54
CA HIS A 289 -2.14 -5.01 7.72
C HIS A 289 -1.83 -5.35 9.18
N ILE A 290 -0.84 -4.67 9.77
CA ILE A 290 -0.52 -4.92 11.17
C ILE A 290 -1.68 -4.52 12.08
N ALA A 291 -2.29 -3.36 11.80
CA ALA A 291 -3.41 -2.90 12.62
C ALA A 291 -4.61 -3.82 12.52
N ASN A 292 -4.86 -4.39 11.33
CA ASN A 292 -6.02 -5.25 11.18
C ASN A 292 -5.83 -6.60 11.86
N ALA A 293 -4.59 -7.14 11.85
CA ALA A 293 -4.33 -8.39 12.59
C ALA A 293 -4.61 -8.21 14.08
N ASN A 294 -4.29 -7.03 14.62
CA ASN A 294 -4.50 -6.76 16.05
C ASN A 294 -5.96 -6.47 16.37
N LEU A 295 -6.78 -6.11 15.38
CA LEU A 295 -8.22 -6.06 15.57
C LEU A 295 -8.81 -7.43 15.92
N MET A 296 -8.07 -8.51 15.68
CA MET A 296 -8.55 -9.85 16.02
C MET A 296 -8.50 -10.11 17.52
N ARG A 297 -7.56 -9.47 18.23
CA ARG A 297 -7.51 -9.51 19.69
C ARG A 297 -8.14 -8.27 20.32
N ASN A 298 -9.03 -7.59 19.58
CA ASN A 298 -9.61 -6.29 19.95
C ASN A 298 -8.58 -5.28 20.44
N GLY A 299 -7.35 -5.36 19.91
CA GLY A 299 -6.43 -4.24 19.99
C GLY A 299 -5.03 -4.47 20.48
N ALA A 300 -4.10 -3.64 20.00
CA ALA A 300 -2.73 -3.66 20.51
C ALA A 300 -2.62 -2.90 21.82
N ASP A 301 -1.72 -3.39 22.67
CA ASP A 301 -1.50 -2.79 23.97
C ASP A 301 -0.57 -1.58 23.89
N TYR A 302 0.46 -1.64 23.04
CA TYR A 302 1.37 -0.53 22.80
C TYR A 302 1.44 -0.22 21.30
N ALA A 303 1.64 1.05 20.96
CA ALA A 303 1.71 1.41 19.55
C ALA A 303 2.48 2.70 19.35
N VAL A 304 3.47 2.66 18.47
CA VAL A 304 4.20 3.83 18.01
C VAL A 304 4.15 3.90 16.49
N TYR A 305 3.74 5.07 15.98
CA TYR A 305 3.82 5.39 14.56
C TYR A 305 4.89 6.46 14.36
N ILE A 306 5.69 6.30 13.32
CA ILE A 306 6.62 7.34 12.87
C ILE A 306 6.39 7.56 11.37
N ASN A 307 5.86 8.72 11.02
CA ASN A 307 5.64 8.99 9.60
C ASN A 307 5.35 10.47 9.44
N THR A 308 5.35 10.92 8.19
CA THR A 308 5.06 12.31 7.84
C THR A 308 3.71 12.47 7.12
N ALA A 309 2.88 11.44 7.13
CA ALA A 309 1.62 11.51 6.40
C ALA A 309 0.65 12.37 7.20
N GLN A 310 -0.35 12.92 6.50
CA GLN A 310 -1.33 13.76 7.18
C GLN A 310 -2.77 13.28 7.01
N GLU A 311 -3.56 13.61 8.03
CA GLU A 311 -4.87 13.01 8.18
C GLU A 311 -5.88 13.62 7.24
N PHE A 312 -5.61 14.86 6.76
CA PHE A 312 -6.73 15.67 6.30
C PHE A 312 -7.38 15.12 5.03
N ASP A 313 -6.69 14.27 4.26
CA ASP A 313 -7.31 13.67 3.09
C ASP A 313 -8.03 12.35 3.41
N GLY A 314 -8.07 11.96 4.68
CA GLY A 314 -8.82 10.81 5.14
C GLY A 314 -8.15 9.48 4.94
N SER A 315 -6.91 9.47 4.46
CA SER A 315 -6.21 8.22 4.14
C SER A 315 -5.82 7.47 5.41
N ASP A 316 -5.77 6.13 5.31
CA ASP A 316 -5.29 5.37 6.46
C ASP A 316 -3.86 5.74 6.80
N SER A 317 -3.04 6.02 5.77
CA SER A 317 -1.64 6.38 6.04
C SER A 317 -1.52 7.57 6.98
N GLY A 318 -2.34 8.61 6.78
CA GLY A 318 -2.24 9.80 7.60
C GLY A 318 -3.07 9.80 8.87
N ALA A 319 -3.77 8.71 9.19
CA ALA A 319 -4.66 8.71 10.35
C ALA A 319 -3.86 8.70 11.65
N ARG A 320 -4.35 9.45 12.64
CA ARG A 320 -3.80 9.38 13.98
C ARG A 320 -4.08 8.01 14.59
N PRO A 321 -3.29 7.56 15.56
CA PRO A 321 -3.63 6.30 16.27
C PRO A 321 -5.04 6.27 16.81
N ASP A 322 -5.58 7.43 17.21
CA ASP A 322 -6.91 7.46 17.79
C ASP A 322 -7.98 7.00 16.82
N GLU A 323 -7.74 7.09 15.51
CA GLU A 323 -8.69 6.49 14.57
C GLU A 323 -8.72 4.99 14.76
N ALA A 324 -7.53 4.38 14.86
CA ALA A 324 -7.45 2.93 15.08
C ALA A 324 -8.10 2.50 16.39
N VAL A 325 -8.16 3.40 17.38
CA VAL A 325 -8.87 3.07 18.62
C VAL A 325 -10.35 2.87 18.34
N SER A 326 -10.94 3.76 17.54
CA SER A 326 -12.37 3.66 17.22
C SER A 326 -12.70 2.29 16.63
N TRP A 327 -11.74 1.68 15.92
CA TRP A 327 -11.93 0.36 15.30
C TRP A 327 -11.64 -0.79 16.27
N GLY A 328 -10.95 -0.52 17.37
CA GLY A 328 -10.47 -1.58 18.24
C GLY A 328 -9.15 -2.18 17.84
N LYS A 329 -8.43 -1.57 16.90
CA LYS A 329 -7.10 -2.04 16.50
C LYS A 329 -6.05 -1.64 17.52
N ILE A 330 -6.34 -0.63 18.32
CA ILE A 330 -5.57 -0.25 19.49
C ILE A 330 -6.55 -0.19 20.66
N ARG A 331 -6.15 -0.73 21.82
CA ARG A 331 -7.05 -0.77 22.97
C ARG A 331 -7.28 0.62 23.53
N VAL A 332 -8.49 0.82 24.09
CA VAL A 332 -8.87 2.13 24.62
CA VAL A 332 -8.86 2.13 24.62
C VAL A 332 -7.91 2.56 25.72
N ASP A 333 -7.45 1.63 26.54
CA ASP A 333 -6.55 1.96 27.65
C ASP A 333 -5.10 2.15 27.19
N ALA A 334 -4.79 1.95 25.92
CA ALA A 334 -3.43 2.17 25.45
C ALA A 334 -3.13 3.66 25.37
N GLN A 335 -1.84 3.98 25.37
CA GLN A 335 -1.37 5.35 25.22
C GLN A 335 -0.51 5.46 23.96
N PRO A 336 -1.10 5.24 22.80
CA PRO A 336 -0.32 5.26 21.56
C PRO A 336 0.23 6.64 21.25
N VAL A 337 1.32 6.64 20.48
CA VAL A 337 2.12 7.81 20.14
C VAL A 337 2.38 7.80 18.64
N LYS A 338 2.15 8.93 17.99
CA LYS A 338 2.69 9.20 16.66
C LYS A 338 3.73 10.31 16.74
N VAL A 339 4.93 10.04 16.20
CA VAL A 339 5.97 11.04 15.96
C VAL A 339 5.89 11.46 14.49
N TYR A 340 5.62 12.76 14.24
CA TYR A 340 5.51 13.29 12.86
C TYR A 340 6.92 13.64 12.41
N ALA A 341 7.60 12.67 11.80
CA ALA A 341 8.99 12.84 11.44
C ALA A 341 9.38 11.80 10.41
N ASP A 342 10.36 12.16 9.58
CA ASP A 342 11.09 11.18 8.77
C ASP A 342 11.78 10.17 9.67
N ALA A 343 11.40 8.90 9.50
CA ALA A 343 11.96 7.84 10.31
C ALA A 343 13.47 7.69 10.11
N SER A 344 14.01 8.14 8.98
CA SER A 344 15.46 8.05 8.81
C SER A 344 16.19 8.85 9.89
N LEU A 345 15.58 9.93 10.34
CA LEU A 345 16.16 10.69 11.43
C LEU A 345 15.80 10.08 12.79
N VAL A 346 14.53 9.73 12.99
CA VAL A 346 14.04 9.44 14.33
C VAL A 346 14.28 7.98 14.71
N PHE A 347 14.22 7.06 13.76
CA PHE A 347 14.27 5.66 14.20
C PHE A 347 15.59 5.26 14.84
N PRO A 348 16.75 5.62 14.29
CA PRO A 348 18.00 5.29 15.01
C PRO A 348 18.11 5.86 16.40
N LEU A 349 17.63 7.10 16.62
CA LEU A 349 17.60 7.67 17.96
C LEU A 349 16.68 6.87 18.86
N LEU A 350 15.49 6.49 18.38
CA LEU A 350 14.59 5.68 19.18
C LEU A 350 15.24 4.36 19.57
N VAL A 351 15.90 3.70 18.63
CA VAL A 351 16.52 2.42 18.95
C VAL A 351 17.65 2.59 19.95
N ALA A 352 18.45 3.65 19.78
CA ALA A 352 19.56 3.92 20.71
C ALA A 352 19.10 3.99 22.16
N GLU A 353 17.94 4.59 22.41
CA GLU A 353 17.42 4.77 23.76
C GLU A 353 16.51 3.66 24.22
N THR A 354 16.24 2.63 23.39
CA THR A 354 15.29 1.59 23.81
C THR A 354 15.92 0.21 23.65
N PHE A 355 15.74 -0.43 22.48
CA PHE A 355 16.30 -1.76 22.24
C PHE A 355 17.79 -1.84 22.51
N ALA A 356 18.56 -0.87 22.03
CA ALA A 356 20.01 -0.99 22.14
C ALA A 356 20.49 -0.85 23.58
N GLN A 357 19.65 -0.32 24.47
CA GLN A 357 20.00 -0.25 25.88
C GLN A 357 19.87 -1.59 26.59
N LYS A 358 19.08 -2.51 26.03
CA LYS A 358 18.73 -3.77 26.66
C LYS A 358 19.31 -4.95 25.93
N MET A 359 20.41 -4.74 25.27
CA MET A 359 21.01 -5.76 24.52
C MET A 359 21.41 -6.94 25.41
N ASP A 360 21.91 -6.65 26.61
CA ASP A 360 22.31 -7.74 27.49
C ASP A 360 21.12 -8.63 27.82
N ALA A 361 19.93 -8.05 28.00
CA ALA A 361 18.73 -8.83 28.29
C ALA A 361 18.22 -9.64 27.10
N PHE A 362 18.77 -9.43 25.90
CA PHE A 362 18.39 -10.22 24.74
C PHE A 362 19.46 -11.24 24.37
N MET A 363 20.34 -11.60 25.31
CA MET A 363 21.38 -12.63 25.06
C MET A 363 21.68 -13.42 26.34
N SER B 28 4.83 32.25 -23.64
CA SER B 28 4.78 33.11 -22.45
C SER B 28 3.34 33.38 -22.02
N THR B 29 2.89 32.74 -20.95
CA THR B 29 1.51 32.87 -20.49
C THR B 29 1.44 33.66 -19.20
N GLN B 30 0.62 34.70 -19.20
CA GLN B 30 0.49 35.59 -18.07
C GLN B 30 -0.43 35.01 -17.01
N VAL B 31 -0.12 35.32 -15.76
CA VAL B 31 -1.00 34.99 -14.65
C VAL B 31 -2.21 35.93 -14.68
N ARG B 32 -3.39 35.36 -14.67
CA ARG B 32 -4.60 36.11 -14.45
C ARG B 32 -5.71 35.21 -13.86
N GLY B 33 -6.37 35.66 -12.83
CA GLY B 33 -7.49 34.93 -12.28
C GLY B 33 -8.81 35.26 -12.96
N TYR B 34 -9.79 34.41 -12.70
CA TYR B 34 -11.16 34.65 -13.14
C TYR B 34 -11.68 35.95 -12.54
N ASP B 35 -12.32 36.75 -13.38
CA ASP B 35 -12.91 38.02 -12.96
C ASP B 35 -14.40 37.87 -12.73
N PHE B 36 -14.81 37.91 -11.46
CA PHE B 36 -16.19 37.66 -11.12
C PHE B 36 -17.09 38.83 -11.52
N ASN B 37 -16.51 39.94 -11.98
CA ASN B 37 -17.33 40.99 -12.62
C ASN B 37 -18.02 40.48 -13.87
N ARG B 38 -17.50 39.39 -14.35
CA ARG B 38 -18.24 38.69 -15.54
CA ARG B 38 -18.20 38.76 -15.60
C ARG B 38 -19.52 37.83 -15.15
N GLY B 39 -19.74 37.74 -13.85
CA GLY B 39 -20.72 36.80 -13.35
C GLY B 39 -20.11 35.45 -13.03
N VAL B 40 -20.96 34.55 -12.56
CA VAL B 40 -20.54 33.17 -12.22
C VAL B 40 -20.76 32.33 -13.46
N ASN B 41 -19.80 32.41 -14.39
CA ASN B 41 -19.73 31.51 -15.54
C ASN B 41 -18.82 30.35 -15.15
N TYR B 42 -19.42 29.22 -14.76
CA TYR B 42 -18.65 28.15 -14.09
C TYR B 42 -17.58 27.57 -15.01
N ARG B 43 -17.87 27.35 -16.27
CA ARG B 43 -16.90 26.80 -17.20
C ARG B 43 -15.72 27.73 -17.38
N ALA B 44 -15.99 29.01 -17.42
CA ALA B 44 -14.94 29.99 -17.57
C ALA B 44 -14.09 30.05 -16.31
N LEU B 45 -14.75 29.92 -15.15
CA LEU B 45 -14.04 29.91 -13.88
CA LEU B 45 -14.04 29.91 -13.87
C LEU B 45 -13.09 28.72 -13.80
N LEU B 46 -13.55 27.56 -14.25
CA LEU B 46 -12.69 26.38 -14.20
CA LEU B 46 -12.70 26.37 -14.20
C LEU B 46 -11.55 26.48 -15.19
N GLU B 47 -11.83 27.03 -16.38
CA GLU B 47 -10.77 27.17 -17.36
C GLU B 47 -9.70 28.13 -16.86
N ALA B 48 -10.10 29.13 -16.06
CA ALA B 48 -9.18 30.15 -15.55
C ALA B 48 -8.22 29.59 -14.51
N PHE B 49 -8.48 28.40 -13.98
CA PHE B 49 -7.51 27.75 -13.09
CA PHE B 49 -7.50 27.83 -13.06
C PHE B 49 -6.13 27.70 -13.73
N GLY B 50 -6.09 27.37 -15.03
CA GLY B 50 -4.84 27.21 -15.75
C GLY B 50 -3.92 28.40 -15.64
N THR B 51 -4.45 29.63 -15.56
CA THR B 51 -3.60 30.81 -15.49
C THR B 51 -3.58 31.40 -14.09
N THR B 52 -4.17 30.71 -13.09
CA THR B 52 -4.22 31.25 -11.75
C THR B 52 -2.94 30.96 -10.98
N GLY B 53 -2.23 29.89 -11.31
CA GLY B 53 -0.96 29.58 -10.66
C GLY B 53 -1.07 28.48 -9.59
N PHE B 54 0.09 28.06 -9.11
CA PHE B 54 0.23 27.03 -8.05
C PHE B 54 -0.62 25.82 -8.45
N GLN B 55 -1.39 25.22 -7.51
CA GLN B 55 -2.06 23.96 -7.85
C GLN B 55 -3.24 24.18 -8.78
N ALA B 56 -3.72 25.41 -8.87
CA ALA B 56 -4.77 25.70 -9.85
C ALA B 56 -4.24 25.50 -11.24
N THR B 57 -3.01 25.96 -11.51
CA THR B 57 -2.42 25.69 -12.83
C THR B 57 -2.22 24.19 -13.03
N ASN B 58 -1.77 23.48 -12.00
CA ASN B 58 -1.60 22.04 -12.17
C ASN B 58 -2.93 21.34 -12.48
N PHE B 59 -4.02 21.80 -11.85
CA PHE B 59 -5.35 21.30 -12.21
C PHE B 59 -5.61 21.53 -13.69
N GLY B 60 -5.35 22.74 -14.18
CA GLY B 60 -5.56 22.99 -15.60
C GLY B 60 -4.71 22.07 -16.46
N ARG B 61 -3.48 21.79 -16.03
CA ARG B 61 -2.63 20.89 -16.80
C ARG B 61 -3.17 19.47 -16.74
N ALA B 62 -3.75 19.08 -15.60
CA ALA B 62 -4.32 17.75 -15.46
C ALA B 62 -5.53 17.61 -16.37
N VAL B 63 -6.34 18.68 -16.49
CA VAL B 63 -7.46 18.63 -17.42
C VAL B 63 -6.95 18.40 -18.85
N GLN B 64 -5.90 19.14 -19.24
CA GLN B 64 -5.34 18.97 -20.58
C GLN B 64 -4.81 17.55 -20.79
N GLN B 65 -4.12 16.99 -19.80
CA GLN B 65 -3.53 15.64 -19.94
C GLN B 65 -4.61 14.56 -20.07
N VAL B 66 -5.66 14.68 -19.25
CA VAL B 66 -6.72 13.71 -19.32
C VAL B 66 -7.51 13.87 -20.61
N ASN B 67 -7.74 15.12 -21.07
CA ASN B 67 -8.40 15.25 -22.36
C ASN B 67 -7.56 14.67 -23.49
N ALA B 68 -6.23 14.78 -23.38
CA ALA B 68 -5.38 14.16 -24.38
C ALA B 68 -5.52 12.64 -24.32
N MET B 69 -5.62 12.06 -23.12
CA MET B 69 -5.86 10.62 -23.03
C MET B 69 -7.16 10.24 -23.70
N ILE B 70 -8.21 11.05 -23.47
CA ILE B 70 -9.53 10.74 -24.01
C ILE B 70 -9.51 10.88 -25.53
N GLU B 71 -8.91 11.96 -26.04
CA GLU B 71 -8.84 12.13 -27.48
C GLU B 71 -8.08 10.98 -28.13
N LYS B 72 -6.95 10.57 -27.54
CA LYS B 72 -6.26 9.39 -28.06
C LYS B 72 -7.15 8.15 -28.00
N LYS B 73 -7.80 7.92 -26.86
CA LYS B 73 -8.65 6.74 -26.72
C LYS B 73 -9.69 6.64 -27.83
N LEU B 74 -10.28 7.78 -28.23
CA LEU B 74 -11.32 7.77 -29.24
C LEU B 74 -10.78 7.66 -30.67
N GLU B 75 -9.50 7.95 -30.89
N GLU B 75 -9.50 7.98 -30.89
CA GLU B 75 -8.90 7.80 -32.21
CA GLU B 75 -8.91 7.78 -32.20
C GLU B 75 -8.95 6.33 -32.62
C GLU B 75 -9.06 6.31 -32.60
N PRO B 76 -9.25 6.02 -33.88
CA PRO B 76 -9.38 4.63 -34.30
C PRO B 76 -8.05 3.92 -34.35
N LEU B 77 -8.12 2.59 -34.24
CA LEU B 77 -6.93 1.77 -34.43
C LEU B 77 -6.72 1.54 -35.93
N SER B 78 -5.54 1.90 -36.42
CA SER B 78 -5.09 1.44 -37.73
C SER B 78 -5.07 -0.09 -37.72
N GLN B 79 -4.87 -0.67 -38.90
CA GLN B 79 -4.80 -2.10 -39.06
C GLN B 79 -3.66 -2.70 -38.26
N ASP B 80 -2.52 -2.08 -38.37
CA ASP B 80 -1.33 -2.52 -37.66
C ASP B 80 -1.53 -2.41 -36.14
N GLU B 81 -2.07 -1.27 -35.68
CA GLU B 81 -2.32 -1.11 -34.26
C GLU B 81 -3.36 -2.12 -33.76
N ASP B 82 -4.42 -2.33 -34.54
CA ASP B 82 -5.44 -3.31 -34.15
C ASP B 82 -4.82 -4.69 -33.98
N GLN B 83 -3.90 -5.06 -34.88
CA GLN B 83 -3.27 -6.38 -34.83
C GLN B 83 -2.56 -6.63 -33.51
N HIS B 84 -1.81 -5.63 -33.03
CA HIS B 84 -1.01 -5.80 -31.82
C HIS B 84 -1.87 -5.75 -30.56
N ALA B 85 -2.92 -4.91 -30.56
CA ALA B 85 -3.76 -4.78 -29.36
C ALA B 85 -4.68 -5.99 -29.18
N ASP B 86 -5.05 -6.67 -30.27
CA ASP B 86 -5.92 -7.85 -30.23
C ASP B 86 -5.23 -9.07 -29.62
N LEU B 87 -3.92 -8.96 -29.51
CA LEU B 87 -3.13 -10.03 -28.97
C LEU B 87 -3.59 -10.27 -27.54
N THR B 88 -4.35 -9.32 -27.01
CA THR B 88 -4.93 -9.41 -25.70
C THR B 88 -5.93 -10.56 -25.77
N GLN B 89 -5.95 -11.42 -24.78
CA GLN B 89 -6.91 -12.49 -24.87
C GLN B 89 -8.13 -12.09 -24.09
N SER B 90 -8.19 -10.81 -23.69
CA SER B 90 -9.29 -10.24 -22.94
C SER B 90 -10.46 -9.85 -23.85
N ARG B 91 -11.67 -9.93 -23.27
CA ARG B 91 -12.91 -9.66 -23.98
C ARG B 91 -13.12 -8.19 -24.26
N ARG B 92 -12.46 -7.33 -23.50
CA ARG B 92 -12.76 -5.91 -23.57
C ARG B 92 -12.38 -5.36 -24.94
N PRO B 93 -13.24 -4.59 -25.59
CA PRO B 93 -12.73 -4.04 -26.83
C PRO B 93 -11.49 -3.20 -26.60
N LEU B 94 -10.51 -3.37 -27.43
CA LEU B 94 -9.28 -2.63 -27.31
C LEU B 94 -9.50 -1.28 -27.89
N THR B 95 -8.84 -0.27 -27.36
CA THR B 95 -8.92 1.08 -27.85
C THR B 95 -7.55 1.64 -28.08
N SER B 96 -7.46 2.88 -28.55
CA SER B 96 -6.17 3.48 -28.82
C SER B 96 -5.50 3.98 -27.56
N CYS B 97 -6.16 3.94 -26.40
CA CYS B 97 -5.49 4.33 -25.16
C CYS B 97 -6.13 3.58 -24.00
N THR B 98 -5.32 2.74 -23.34
CA THR B 98 -5.77 1.97 -22.21
C THR B 98 -5.52 2.82 -20.96
N ILE B 99 -6.58 3.12 -20.20
CA ILE B 99 -6.49 4.02 -19.07
C ILE B 99 -6.59 3.22 -17.78
N PHE B 100 -5.56 3.34 -16.94
CA PHE B 100 -5.52 2.72 -15.62
C PHE B 100 -5.98 3.74 -14.60
N LEU B 101 -7.00 3.42 -13.82
CA LEU B 101 -7.51 4.27 -12.75
C LEU B 101 -7.20 3.62 -11.41
N GLY B 102 -6.40 4.28 -10.62
CA GLY B 102 -6.04 3.79 -9.29
C GLY B 102 -6.50 4.73 -8.20
N TYR B 103 -6.92 4.16 -7.08
CA TYR B 103 -7.42 4.97 -5.98
C TYR B 103 -7.31 4.20 -4.68
N THR B 104 -7.11 4.95 -3.60
CA THR B 104 -7.02 4.41 -2.26
C THR B 104 -8.40 4.16 -1.65
N SER B 105 -8.43 3.34 -0.59
CA SER B 105 -9.68 2.88 -0.01
CA SER B 105 -9.69 2.89 -0.03
CA SER B 105 -9.68 2.88 -0.02
C SER B 105 -10.53 4.04 0.49
N ASN B 106 -9.91 5.04 1.12
CA ASN B 106 -10.66 6.16 1.66
C ASN B 106 -11.55 6.80 0.60
N LEU B 107 -11.11 6.84 -0.65
CA LEU B 107 -11.91 7.52 -1.66
C LEU B 107 -13.19 6.73 -1.97
N ILE B 108 -13.17 5.41 -1.78
CA ILE B 108 -14.40 4.61 -1.97
C ILE B 108 -15.33 4.84 -0.79
N SER B 109 -14.79 5.14 0.40
CA SER B 109 -15.64 5.51 1.52
C SER B 109 -16.27 6.87 1.30
N SER B 110 -15.54 7.75 0.63
CA SER B 110 -16.04 9.10 0.31
C SER B 110 -17.05 9.02 -0.83
N GLY B 111 -17.61 10.19 -1.17
CA GLY B 111 -18.50 10.31 -2.32
C GLY B 111 -17.82 10.17 -3.66
N ILE B 112 -16.49 10.13 -3.70
CA ILE B 112 -15.78 9.87 -4.96
C ILE B 112 -16.10 8.46 -5.48
N ARG B 113 -16.67 7.62 -4.64
CA ARG B 113 -17.17 6.32 -5.08
C ARG B 113 -18.14 6.50 -6.25
N GLU B 114 -18.99 7.53 -6.08
CA GLU B 114 -19.97 7.97 -7.08
C GLU B 114 -19.30 8.35 -8.44
N THR B 115 -18.20 9.14 -8.42
CA THR B 115 -17.40 9.56 -9.58
C THR B 115 -16.79 8.36 -10.26
N ILE B 116 -16.13 7.51 -9.47
CA ILE B 116 -15.49 6.33 -10.01
C ILE B 116 -16.53 5.41 -10.65
N ARG B 117 -17.66 5.18 -9.98
CA ARG B 117 -18.70 4.33 -10.54
CA ARG B 117 -18.68 4.31 -10.54
C ARG B 117 -19.13 4.82 -11.90
N TYR B 118 -19.31 6.14 -12.05
CA TYR B 118 -19.78 6.70 -13.31
C TYR B 118 -18.81 6.38 -14.44
N LEU B 119 -17.51 6.52 -14.17
CA LEU B 119 -16.53 6.30 -15.23
C LEU B 119 -16.51 4.83 -15.64
N VAL B 120 -16.64 3.96 -14.66
CA VAL B 120 -16.60 2.52 -14.91
C VAL B 120 -17.86 2.10 -15.65
N GLN B 121 -19.03 2.61 -15.20
CA GLN B 121 -20.31 2.34 -15.85
C GLN B 121 -20.26 2.64 -17.34
N HIS B 122 -19.63 3.74 -17.75
CA HIS B 122 -19.62 4.14 -19.15
C HIS B 122 -18.35 3.78 -19.87
N ASN B 123 -17.60 2.79 -19.36
CA ASN B 123 -16.46 2.26 -20.08
C ASN B 123 -15.42 3.32 -20.39
N MET B 124 -15.28 4.31 -19.51
CA MET B 124 -14.35 5.39 -19.77
C MET B 124 -12.94 5.09 -19.32
N VAL B 125 -12.76 4.06 -18.47
CA VAL B 125 -11.44 3.57 -18.09
C VAL B 125 -11.42 2.06 -18.29
N ASP B 126 -10.21 1.50 -18.28
CA ASP B 126 -10.03 0.12 -18.74
C ASP B 126 -9.54 -0.84 -17.68
N VAL B 127 -8.84 -0.34 -16.67
CA VAL B 127 -8.27 -1.15 -15.60
C VAL B 127 -8.43 -0.36 -14.31
N LEU B 128 -8.91 -1.04 -13.27
CA LEU B 128 -8.91 -0.43 -11.94
C LEU B 128 -7.84 -1.06 -11.05
N VAL B 129 -7.23 -0.23 -10.22
CA VAL B 129 -6.33 -0.71 -9.16
C VAL B 129 -6.73 -0.06 -7.85
N THR B 130 -6.91 -0.86 -6.82
CA THR B 130 -7.27 -0.32 -5.51
C THR B 130 -6.69 -1.20 -4.42
N THR B 131 -6.96 -0.81 -3.19
N THR B 131 -6.71 -0.61 -3.24
CA THR B 131 -6.55 -1.55 -2.02
CA THR B 131 -6.12 -1.17 -2.06
C THR B 131 -7.69 -2.31 -1.37
C THR B 131 -7.04 -1.90 -1.14
N ALA B 132 -7.73 -3.18 -0.49
N ALA B 132 -6.48 -2.15 0.04
CA ALA B 132 -8.81 -4.09 -0.10
CA ALA B 132 -7.12 -2.83 1.13
C ALA B 132 -10.01 -3.34 0.45
C ALA B 132 -8.29 -1.99 1.61
N GLY B 133 -9.65 -2.47 1.23
N GLY B 133 -9.52 -2.37 1.25
CA GLY B 133 -10.73 -1.62 1.62
CA GLY B 133 -10.70 -1.64 1.64
C GLY B 133 -11.50 -1.03 0.48
C GLY B 133 -11.49 -1.00 0.51
N GLY B 134 -10.83 -0.74 -0.61
CA GLY B 134 -11.41 -0.13 -1.79
C GLY B 134 -12.39 -1.02 -2.53
N VAL B 135 -12.35 -2.32 -2.26
CA VAL B 135 -13.34 -3.24 -2.81
C VAL B 135 -14.55 -3.34 -1.88
N GLU B 136 -14.30 -3.74 -0.64
CA GLU B 136 -15.41 -4.07 0.25
C GLU B 136 -16.25 -2.84 0.61
N GLU B 137 -15.66 -1.66 0.74
CA GLU B 137 -16.50 -0.51 1.10
C GLU B 137 -17.48 -0.16 -0.01
N ASP B 138 -17.15 -0.43 -1.26
CA ASP B 138 -18.15 -0.25 -2.31
C ASP B 138 -19.29 -1.24 -2.17
N LEU B 139 -18.98 -2.51 -1.86
CA LEU B 139 -20.03 -3.51 -1.72
C LEU B 139 -20.91 -3.20 -0.52
N ILE B 140 -20.28 -2.88 0.61
CA ILE B 140 -21.02 -2.58 1.83
C ILE B 140 -21.92 -1.37 1.68
N LYS B 141 -21.53 -0.38 0.87
CA LYS B 141 -22.41 0.77 0.63
C LYS B 141 -23.68 0.35 -0.08
N CYS B 142 -23.72 -0.83 -0.69
CA CYS B 142 -24.97 -1.30 -1.27
C CYS B 142 -25.86 -1.97 -0.22
N LEU B 143 -25.33 -2.21 0.98
CA LEU B 143 -26.07 -2.78 2.10
C LEU B 143 -26.44 -1.78 3.18
N ALA B 144 -25.62 -0.72 3.38
CA ALA B 144 -25.77 0.20 4.49
C ALA B 144 -24.90 1.41 4.18
N PRO B 145 -25.31 2.62 4.57
CA PRO B 145 -24.54 3.80 4.18
C PRO B 145 -23.39 4.16 5.12
N THR B 146 -22.54 5.05 4.62
CA THR B 146 -21.52 5.71 5.41
C THR B 146 -22.02 7.12 5.74
N TYR B 147 -21.61 7.63 6.90
CA TYR B 147 -22.10 8.90 7.40
C TYR B 147 -20.99 9.93 7.60
N LEU B 148 -21.39 11.20 7.60
CA LEU B 148 -20.48 12.31 7.85
C LEU B 148 -20.21 12.45 9.34
N GLY B 149 -18.95 12.66 9.70
CA GLY B 149 -18.54 12.88 11.08
C GLY B 149 -17.57 14.06 11.17
N GLU B 150 -16.59 13.93 12.05
CA GLU B 150 -15.52 14.90 12.21
C GLU B 150 -14.24 14.15 12.51
N PHE B 151 -13.10 14.70 12.02
CA PHE B 151 -11.81 14.07 12.28
C PHE B 151 -11.54 13.94 13.77
N SER B 152 -12.06 14.89 14.56
CA SER B 152 -11.69 15.03 15.97
C SER B 152 -12.41 14.08 16.92
N LEU B 153 -13.49 13.43 16.48
CA LEU B 153 -14.22 12.49 17.34
C LEU B 153 -13.26 11.48 17.96
N ARG B 154 -13.39 11.28 19.27
CA ARG B 154 -12.45 10.43 20.00
C ARG B 154 -12.78 8.95 19.85
N GLY B 155 -11.73 8.14 19.73
CA GLY B 155 -11.90 6.73 19.43
C GLY B 155 -12.59 5.94 20.53
N LYS B 156 -12.37 6.32 21.79
CA LYS B 156 -13.00 5.62 22.90
C LYS B 156 -14.52 5.66 22.79
N GLU B 157 -15.11 6.86 22.78
N GLU B 157 -15.11 6.86 22.79
CA GLU B 157 -16.57 6.94 22.77
CA GLU B 157 -16.57 6.97 22.76
C GLU B 157 -17.15 6.36 21.49
C GLU B 157 -17.14 6.36 21.49
N LEU B 158 -16.43 6.47 20.36
CA LEU B 158 -16.89 5.83 19.14
C LEU B 158 -16.88 4.31 19.28
N ARG B 159 -15.77 3.74 19.76
CA ARG B 159 -15.68 2.29 19.90
C ARG B 159 -16.79 1.76 20.81
N GLU B 160 -17.04 2.47 21.91
CA GLU B 160 -18.08 2.07 22.86
C GLU B 160 -19.44 1.98 22.20
N ASN B 161 -19.72 2.86 21.24
CA ASN B 161 -20.99 2.85 20.54
C ASN B 161 -20.91 2.12 19.22
N GLY B 162 -19.85 1.35 19.00
CA GLY B 162 -19.72 0.58 17.79
C GLY B 162 -19.81 1.45 16.56
N ILE B 163 -19.03 2.53 16.53
CA ILE B 163 -18.86 3.35 15.33
C ILE B 163 -17.36 3.37 15.02
N ASN B 164 -17.01 3.13 13.76
CA ASN B 164 -15.62 3.20 13.32
C ASN B 164 -15.41 4.44 12.47
N ARG B 165 -14.24 5.07 12.64
CA ARG B 165 -13.95 6.35 11.99
C ARG B 165 -13.00 6.18 10.81
N ILE B 166 -13.33 6.89 9.72
CA ILE B 166 -12.52 6.93 8.50
C ILE B 166 -12.39 8.41 8.15
N GLY B 167 -11.33 9.05 8.64
CA GLY B 167 -11.21 10.49 8.45
C GLY B 167 -12.32 11.20 9.16
N ASN B 168 -13.09 12.02 8.44
CA ASN B 168 -14.27 12.63 9.02
C ASN B 168 -15.55 11.91 8.60
N LEU B 169 -15.44 10.59 8.37
CA LEU B 169 -16.56 9.74 7.99
C LEU B 169 -16.73 8.66 9.06
N LEU B 170 -17.93 8.07 9.10
CA LEU B 170 -18.27 7.14 10.16
C LEU B 170 -19.02 5.96 9.57
N VAL B 171 -18.63 4.75 9.97
CA VAL B 171 -19.27 3.51 9.50
CA VAL B 171 -19.28 3.52 9.51
C VAL B 171 -19.69 2.71 10.71
N PRO B 172 -20.98 2.36 10.86
CA PRO B 172 -21.40 1.46 11.94
C PRO B 172 -20.81 0.05 11.78
N SER B 173 -20.53 -0.56 12.90
CA SER B 173 -20.06 -1.92 12.93
C SER B 173 -21.11 -2.83 12.30
N GLU B 174 -22.37 -2.58 12.56
CA GLU B 174 -23.45 -3.34 11.93
C GLU B 174 -23.22 -3.49 10.44
N ASN B 175 -22.61 -2.48 9.79
CA ASN B 175 -22.37 -2.58 8.35
C ASN B 175 -21.62 -3.85 7.99
N TYR B 176 -20.68 -4.25 8.84
CA TYR B 176 -19.78 -5.34 8.52
C TYR B 176 -20.45 -6.65 8.85
N LYS B 178 -23.66 -7.05 8.30
CA LYS B 178 -24.47 -7.25 7.11
C LYS B 178 -23.62 -7.80 5.99
N PHE B 179 -22.38 -7.31 5.92
CA PHE B 179 -21.43 -7.78 4.94
C PHE B 179 -21.06 -9.25 5.18
N GLU B 180 -20.90 -9.64 6.43
CA GLU B 180 -20.63 -11.05 6.73
C GLU B 180 -21.76 -11.95 6.23
N ASP B 181 -23.01 -11.63 6.61
CA ASP B 181 -24.15 -12.44 6.18
CA ASP B 181 -24.15 -12.44 6.17
C ASP B 181 -24.23 -12.51 4.66
N TRP B 182 -23.78 -11.47 3.95
CA TRP B 182 -23.88 -11.44 2.50
C TRP B 182 -22.76 -12.26 1.87
N LEU B 183 -21.57 -12.22 2.48
CA LEU B 183 -20.40 -12.79 1.83
C LEU B 183 -20.20 -14.28 2.07
N MET B 184 -20.48 -14.74 3.27
CA MET B 184 -20.24 -16.13 3.65
C MET B 184 -20.71 -17.16 2.63
N PRO B 185 -21.97 -17.07 2.22
CA PRO B 185 -22.47 -17.98 1.17
C PRO B 185 -21.64 -17.94 -0.09
N ILE B 186 -21.19 -16.75 -0.50
CA ILE B 186 -20.40 -16.66 -1.71
C ILE B 186 -19.07 -17.36 -1.52
N LEU B 187 -18.48 -17.20 -0.33
CA LEU B 187 -17.24 -17.89 -0.04
C LEU B 187 -17.45 -19.41 -0.13
N ASP B 188 -18.60 -19.89 0.34
CA ASP B 188 -18.89 -21.32 0.25
C ASP B 188 -18.88 -21.78 -1.21
N GLN B 189 -19.57 -21.04 -2.06
CA GLN B 189 -19.59 -21.38 -3.45
C GLN B 189 -18.24 -21.30 -4.11
N MET B 190 -17.42 -20.32 -3.78
CA MET B 190 -16.11 -20.23 -4.41
C MET B 190 -15.21 -21.40 -4.03
N VAL B 191 -15.26 -21.84 -2.78
CA VAL B 191 -14.49 -23.01 -2.39
C VAL B 191 -14.98 -24.24 -3.16
N MET B 192 -16.27 -24.38 -3.27
CA MET B 192 -16.82 -25.49 -4.00
C MET B 192 -16.41 -25.47 -5.45
N GLU B 193 -16.45 -24.31 -6.11
CA GLU B 193 -16.03 -24.23 -7.50
C GLU B 193 -14.54 -24.42 -7.64
N GLN B 194 -13.77 -24.04 -6.62
CA GLN B 194 -12.35 -24.32 -6.63
C GLN B 194 -12.11 -25.82 -6.64
N ASN B 195 -12.84 -26.50 -5.80
CA ASN B 195 -12.48 -27.88 -5.50
C ASN B 195 -13.12 -28.86 -6.47
N THR B 196 -14.32 -28.58 -6.94
CA THR B 196 -15.03 -29.47 -7.85
C THR B 196 -14.99 -29.03 -9.31
N GLU B 197 -14.83 -27.73 -9.60
CA GLU B 197 -14.84 -27.28 -10.98
C GLU B 197 -13.48 -26.77 -11.45
N GLY B 198 -12.43 -26.94 -10.65
CA GLY B 198 -11.09 -26.53 -11.05
C GLY B 198 -10.83 -25.03 -11.11
N VAL B 199 -11.65 -24.20 -10.46
CA VAL B 199 -11.46 -22.74 -10.53
C VAL B 199 -10.20 -22.34 -9.77
N LYS B 200 -9.33 -21.58 -10.43
CA LYS B 200 -8.08 -21.07 -9.84
C LYS B 200 -8.25 -19.58 -9.52
N TRP B 201 -8.68 -19.31 -8.29
CA TRP B 201 -9.06 -17.94 -7.91
C TRP B 201 -7.84 -17.02 -7.75
N THR B 202 -8.05 -15.76 -8.08
CA THR B 202 -7.10 -14.67 -7.89
C THR B 202 -7.89 -13.49 -7.35
N PRO B 203 -7.21 -12.48 -6.81
CA PRO B 203 -7.95 -11.28 -6.38
C PRO B 203 -8.86 -10.71 -7.47
N SER B 204 -8.36 -10.52 -8.69
CA SER B 204 -9.23 -9.88 -9.68
C SER B 204 -10.43 -10.77 -9.99
N LYS B 205 -10.24 -12.09 -10.02
CA LYS B 205 -11.41 -12.91 -10.31
C LYS B 205 -12.41 -12.87 -9.18
N MET B 206 -11.93 -12.79 -7.93
CA MET B 206 -12.89 -12.70 -6.83
C MET B 206 -13.63 -11.38 -6.87
N ILE B 207 -12.93 -10.31 -7.22
CA ILE B 207 -13.59 -9.00 -7.24
C ILE B 207 -14.67 -8.99 -8.31
N ALA B 208 -14.37 -9.52 -9.50
CA ALA B 208 -15.39 -9.64 -10.54
C ALA B 208 -16.61 -10.42 -10.03
N ARG B 209 -16.31 -11.54 -9.42
CA ARG B 209 -17.45 -12.30 -8.80
CA ARG B 209 -17.38 -12.32 -8.81
C ARG B 209 -18.32 -11.59 -7.69
N LEU B 210 -17.59 -10.86 -6.86
CA LEU B 210 -18.33 -10.11 -5.86
C LEU B 210 -19.15 -8.99 -6.51
N GLY B 211 -18.66 -8.42 -7.61
CA GLY B 211 -19.43 -7.44 -8.34
C GLY B 211 -20.68 -8.02 -8.97
N LYS B 212 -20.56 -9.22 -9.56
CA LYS B 212 -21.74 -9.90 -10.11
C LYS B 212 -22.75 -10.19 -9.01
N GLU B 213 -22.30 -10.70 -7.86
CA GLU B 213 -23.21 -10.99 -6.78
C GLU B 213 -23.92 -9.75 -6.26
N ILE B 214 -23.21 -8.62 -6.11
CA ILE B 214 -23.88 -7.48 -5.50
C ILE B 214 -25.04 -7.01 -6.36
N ASN B 215 -24.87 -7.08 -7.67
CA ASN B 215 -25.98 -6.92 -8.60
C ASN B 215 -26.73 -5.62 -8.36
N ASN B 216 -25.97 -4.53 -8.23
CA ASN B 216 -26.53 -3.24 -7.83
C ASN B 216 -25.83 -2.19 -8.68
N PRO B 217 -26.58 -1.32 -9.37
CA PRO B 217 -25.94 -0.35 -10.27
C PRO B 217 -25.31 0.84 -9.55
N GLU B 218 -25.42 0.91 -8.23
CA GLU B 218 -24.68 1.88 -7.43
C GLU B 218 -23.25 1.44 -7.18
N SER B 219 -22.93 0.17 -7.46
CA SER B 219 -21.65 -0.42 -7.13
C SER B 219 -20.65 -0.24 -8.26
N VAL B 220 -19.45 0.23 -7.91
CA VAL B 220 -18.34 0.28 -8.87
C VAL B 220 -18.05 -1.11 -9.45
N TYR B 221 -17.99 -2.14 -8.59
CA TYR B 221 -17.51 -3.46 -9.05
C TYR B 221 -18.61 -4.21 -9.79
N TYR B 222 -19.87 -3.91 -9.52
CA TYR B 222 -20.91 -4.41 -10.41
C TYR B 222 -20.62 -3.98 -11.84
N TRP B 223 -20.36 -2.68 -12.04
CA TRP B 223 -20.16 -2.18 -13.39
C TRP B 223 -18.86 -2.67 -13.97
N ALA B 224 -17.82 -2.80 -13.13
CA ALA B 224 -16.54 -3.23 -13.68
C ALA B 224 -16.69 -4.62 -14.31
N GLN B 225 -17.34 -5.55 -13.62
CA GLN B 225 -17.41 -6.91 -14.17
C GLN B 225 -18.36 -6.97 -15.36
N LYS B 226 -19.47 -6.19 -15.32
CA LYS B 226 -20.35 -6.08 -16.48
C LYS B 226 -19.61 -5.61 -17.72
N ASN B 227 -18.71 -4.64 -17.57
CA ASN B 227 -18.03 -4.04 -18.71
C ASN B 227 -16.66 -4.65 -18.98
N HIS B 228 -16.34 -5.77 -18.34
CA HIS B 228 -15.07 -6.47 -18.59
C HIS B 228 -13.87 -5.61 -18.21
N ILE B 229 -14.01 -4.81 -17.16
CA ILE B 229 -12.92 -3.97 -16.65
C ILE B 229 -12.31 -4.71 -15.47
N PRO B 230 -11.09 -5.25 -15.59
CA PRO B 230 -10.49 -5.98 -14.47
C PRO B 230 -10.10 -5.05 -13.33
N VAL B 231 -10.13 -5.59 -12.12
CA VAL B 231 -9.80 -4.89 -10.87
C VAL B 231 -8.66 -5.65 -10.21
N PHE B 232 -7.55 -4.96 -9.99
CA PHE B 232 -6.39 -5.55 -9.34
C PHE B 232 -6.23 -4.94 -7.95
N SER B 233 -5.87 -5.80 -7.02
CA SER B 233 -5.77 -5.52 -5.60
C SER B 233 -4.88 -6.60 -4.99
N PRO B 234 -3.56 -6.54 -5.14
CA PRO B 234 -2.72 -7.66 -4.65
C PRO B 234 -2.86 -7.90 -3.15
N ALA B 235 -3.05 -6.85 -2.36
CA ALA B 235 -3.30 -6.92 -0.91
C ALA B 235 -4.79 -6.95 -0.56
N LEU B 236 -5.56 -7.74 -1.32
CA LEU B 236 -7.01 -7.81 -1.10
C LEU B 236 -7.39 -8.33 0.29
N THR B 237 -6.52 -9.15 0.89
CA THR B 237 -6.74 -9.79 2.17
C THR B 237 -6.61 -8.84 3.35
N ASP B 238 -6.09 -7.65 3.12
CA ASP B 238 -5.74 -6.74 4.21
C ASP B 238 -6.92 -5.80 4.52
N GLY B 239 -7.93 -6.37 5.15
CA GLY B 239 -9.10 -5.61 5.56
C GLY B 239 -10.23 -6.52 5.98
N SER B 240 -11.45 -6.00 5.89
CA SER B 240 -12.63 -6.71 6.37
C SER B 240 -12.90 -7.95 5.53
N LEU B 241 -12.70 -7.85 4.22
CA LEU B 241 -12.80 -9.03 3.37
CA LEU B 241 -12.82 -9.04 3.38
C LEU B 241 -11.89 -10.14 3.86
N GLY B 242 -10.64 -9.78 4.19
CA GLY B 242 -9.70 -10.75 4.73
C GLY B 242 -10.17 -11.34 6.05
N ASP B 243 -10.66 -10.49 6.95
CA ASP B 243 -11.24 -11.00 8.19
C ASP B 243 -12.23 -12.13 7.88
N MET B 244 -13.17 -11.88 6.97
CA MET B 244 -14.20 -12.85 6.65
C MET B 244 -13.61 -14.11 6.02
N ILE B 245 -12.66 -13.95 5.09
CA ILE B 245 -12.00 -15.11 4.53
C ILE B 245 -11.33 -15.91 5.65
N PHE B 246 -10.69 -15.20 6.57
CA PHE B 246 -10.00 -15.83 7.69
C PHE B 246 -10.96 -16.66 8.53
N PHE B 247 -12.04 -16.06 9.02
CA PHE B 247 -13.03 -16.83 9.77
C PHE B 247 -13.55 -18.00 8.94
N HIS B 248 -14.05 -17.70 7.73
CA HIS B 248 -14.55 -18.74 6.84
C HIS B 248 -13.59 -19.90 6.71
N SER B 249 -12.30 -19.62 6.63
CA SER B 249 -11.36 -20.70 6.33
C SER B 249 -11.35 -21.77 7.41
N TYR B 250 -11.97 -21.51 8.57
CA TYR B 250 -11.96 -22.50 9.63
C TYR B 250 -13.13 -23.46 9.53
N LYS B 251 -14.32 -22.98 9.17
CA LYS B 251 -15.42 -23.89 8.88
C LYS B 251 -15.36 -24.46 7.47
N ASN B 252 -14.53 -23.89 6.58
CA ASN B 252 -14.49 -24.35 5.21
C ASN B 252 -13.14 -24.03 4.57
N PRO B 253 -12.10 -24.80 4.87
CA PRO B 253 -10.73 -24.39 4.52
C PRO B 253 -10.37 -24.69 3.07
N GLY B 254 -9.21 -24.16 2.67
CA GLY B 254 -8.62 -24.43 1.38
C GLY B 254 -8.66 -23.31 0.34
N LEU B 255 -9.42 -22.23 0.55
CA LEU B 255 -9.48 -21.17 -0.46
C LEU B 255 -8.08 -20.63 -0.75
N VAL B 256 -7.73 -20.61 -2.03
CA VAL B 256 -6.45 -20.06 -2.48
C VAL B 256 -6.73 -18.84 -3.36
N LEU B 257 -6.02 -17.76 -3.08
CA LEU B 257 -6.02 -16.57 -3.92
C LEU B 257 -4.60 -16.34 -4.40
N ASP B 258 -4.36 -16.64 -5.68
CA ASP B 258 -3.03 -16.53 -6.26
C ASP B 258 -2.80 -15.13 -6.79
N ILE B 259 -1.68 -14.51 -6.39
CA ILE B 259 -1.35 -13.17 -6.87
C ILE B 259 -0.45 -13.23 -8.07
N VAL B 260 0.11 -14.40 -8.39
CA VAL B 260 1.03 -14.45 -9.53
C VAL B 260 0.27 -14.33 -10.84
N GLU B 261 -0.89 -15.01 -10.94
CA GLU B 261 -1.63 -14.95 -12.20
C GLU B 261 -2.12 -13.54 -12.46
N ASP B 262 -2.55 -12.85 -11.41
CA ASP B 262 -2.99 -11.44 -11.55
C ASP B 262 -1.87 -10.54 -12.02
N LEU B 263 -0.63 -10.87 -11.66
CA LEU B 263 0.50 -10.08 -12.13
C LEU B 263 0.66 -10.23 -13.63
N ARG B 264 0.50 -11.45 -14.16
CA ARG B 264 0.53 -11.61 -15.60
C ARG B 264 -0.58 -10.80 -16.25
N LEU B 265 -1.78 -10.86 -15.66
CA LEU B 265 -2.95 -10.22 -16.25
C LEU B 265 -2.83 -8.70 -16.31
N ILE B 266 -2.34 -8.05 -15.25
CA ILE B 266 -2.25 -6.58 -15.32
C ILE B 266 -1.11 -6.20 -16.25
N ASN B 267 -0.01 -6.93 -16.18
CA ASN B 267 1.11 -6.59 -17.04
C ASN B 267 0.75 -6.74 -18.51
N THR B 268 -0.10 -7.72 -18.86
CA THR B 268 -0.44 -7.90 -20.27
CA THR B 268 -0.47 -7.92 -20.25
C THR B 268 -1.32 -6.76 -20.76
N GLN B 269 -2.17 -6.21 -19.90
CA GLN B 269 -2.96 -5.02 -20.25
C GLN B 269 -2.06 -3.87 -20.69
N ALA B 270 -0.91 -3.68 -20.02
CA ALA B 270 0.01 -2.63 -20.38
C ALA B 270 0.86 -2.98 -21.60
N ILE B 271 1.31 -4.25 -21.72
CA ILE B 271 2.28 -4.55 -22.76
C ILE B 271 1.66 -4.42 -24.15
N PHE B 272 0.42 -4.84 -24.31
CA PHE B 272 -0.26 -4.86 -25.59
C PHE B 272 -1.20 -3.68 -25.77
N ALA B 273 -0.96 -2.60 -25.06
CA ALA B 273 -1.66 -1.34 -25.28
C ALA B 273 -1.00 -0.54 -26.40
N LYS B 274 -1.81 0.10 -27.24
CA LYS B 274 -1.26 1.06 -28.19
C LYS B 274 -0.72 2.29 -27.45
N CYS B 275 -1.45 2.77 -26.47
N CYS B 275 -1.41 2.67 -26.41
CA CYS B 275 -1.07 3.91 -25.65
CA CYS B 275 -1.07 3.84 -25.64
C CYS B 275 -1.63 3.68 -24.24
C CYS B 275 -1.65 3.68 -24.25
N THR B 276 -0.95 4.19 -23.23
CA THR B 276 -1.48 4.10 -21.88
C THR B 276 -1.57 5.44 -21.17
N GLY B 277 -2.60 5.57 -20.35
CA GLY B 277 -2.72 6.67 -19.40
C GLY B 277 -2.93 6.14 -18.00
N MET B 278 -2.36 6.85 -17.04
CA MET B 278 -2.53 6.58 -15.64
C MET B 278 -3.22 7.77 -15.00
N ILE B 279 -4.30 7.51 -14.29
CA ILE B 279 -4.93 8.49 -13.41
C ILE B 279 -4.87 7.89 -12.00
N ILE B 280 -4.05 8.46 -11.12
CA ILE B 280 -3.80 7.83 -9.82
CA ILE B 280 -3.78 7.83 -9.82
C ILE B 280 -4.18 8.79 -8.71
N LEU B 281 -5.17 8.38 -7.90
CA LEU B 281 -5.66 9.11 -6.74
C LEU B 281 -5.09 8.49 -5.47
N GLY B 282 -4.25 9.26 -4.76
CA GLY B 282 -3.55 8.79 -3.56
C GLY B 282 -2.24 8.05 -3.86
N GLY B 283 -1.69 7.42 -2.81
CA GLY B 283 -0.38 6.77 -2.89
C GLY B 283 -0.40 5.27 -2.65
N GLY B 284 0.70 4.73 -2.16
CA GLY B 284 0.70 3.32 -1.77
C GLY B 284 0.74 2.36 -2.95
N VAL B 285 0.25 1.15 -2.68
CA VAL B 285 0.37 0.05 -3.65
C VAL B 285 -0.33 0.40 -4.95
N VAL B 286 -1.45 1.13 -4.88
CA VAL B 286 -2.15 1.49 -6.12
CA VAL B 286 -2.16 1.48 -6.12
C VAL B 286 -1.25 2.32 -7.02
N LYS B 287 -0.55 3.29 -6.45
CA LYS B 287 0.35 4.13 -7.23
C LYS B 287 1.49 3.30 -7.80
N HIS B 288 2.15 2.55 -6.96
CA HIS B 288 3.26 1.78 -7.42
C HIS B 288 2.90 0.68 -8.42
N HIS B 289 1.83 -0.04 -8.15
CA HIS B 289 1.43 -1.18 -8.99
C HIS B 289 1.06 -0.74 -10.40
N ILE B 290 0.31 0.37 -10.53
CA ILE B 290 -0.04 0.85 -11.87
C ILE B 290 1.21 1.28 -12.61
N ALA B 291 2.08 2.06 -11.95
CA ALA B 291 3.29 2.57 -12.60
C ALA B 291 4.24 1.43 -12.96
N ASN B 292 4.30 0.39 -12.12
CA ASN B 292 5.22 -0.72 -12.43
C ASN B 292 4.71 -1.56 -13.59
N ALA B 293 3.39 -1.71 -13.72
CA ALA B 293 2.82 -2.36 -14.90
C ALA B 293 3.22 -1.62 -16.17
N ASN B 294 3.27 -0.28 -16.12
CA ASN B 294 3.63 0.50 -17.29
C ASN B 294 5.13 0.53 -17.57
N LEU B 295 5.98 0.21 -16.58
CA LEU B 295 7.40 -0.01 -16.87
C LEU B 295 7.57 -1.08 -17.94
N MET B 296 6.67 -2.08 -17.98
CA MET B 296 6.77 -3.20 -18.91
C MET B 296 6.62 -2.79 -20.38
N ARG B 297 6.06 -1.61 -20.66
CA ARG B 297 6.04 -1.06 -22.01
C ARG B 297 7.00 0.12 -22.17
N ASN B 298 7.94 0.28 -21.23
CA ASN B 298 8.89 1.40 -21.22
C ASN B 298 8.18 2.74 -21.02
N GLY B 299 7.02 2.72 -20.34
CA GLY B 299 6.42 3.97 -19.85
C GLY B 299 4.99 4.32 -20.25
N ALA B 300 4.22 4.92 -19.32
CA ALA B 300 2.92 5.50 -19.68
C ALA B 300 3.11 6.73 -20.56
N ASP B 301 2.18 6.91 -21.50
CA ASP B 301 2.19 8.08 -22.38
C ASP B 301 1.60 9.32 -21.70
N TYR B 302 0.66 9.11 -20.78
CA TYR B 302 -0.01 10.19 -20.07
C TYR B 302 -0.15 9.81 -18.60
N ALA B 303 -0.02 10.79 -17.72
CA ALA B 303 -0.21 10.46 -16.30
C ALA B 303 -0.60 11.68 -15.50
N VAL B 304 -1.60 11.49 -14.64
CA VAL B 304 -2.03 12.49 -13.68
C VAL B 304 -2.05 11.84 -12.31
N TYR B 305 -1.34 12.43 -11.36
CA TYR B 305 -1.38 12.06 -9.94
C TYR B 305 -2.16 13.14 -9.20
N ILE B 306 -3.06 12.73 -8.31
CA ILE B 306 -3.70 13.63 -7.38
C ILE B 306 -3.51 13.07 -5.99
N ASN B 307 -2.77 13.78 -5.15
CA ASN B 307 -2.57 13.34 -3.78
C ASN B 307 -1.90 14.45 -2.97
N THR B 308 -1.89 14.27 -1.65
CA THR B 308 -1.33 15.23 -0.69
C THR B 308 -0.02 14.73 -0.07
N ALA B 309 0.54 13.65 -0.57
CA ALA B 309 1.79 13.12 -0.02
C ALA B 309 2.94 14.01 -0.44
N GLN B 310 3.96 14.07 0.42
CA GLN B 310 5.16 14.89 0.20
C GLN B 310 6.41 14.02 -0.10
N GLU B 311 7.35 14.49 -0.91
CA GLU B 311 8.49 13.72 -1.37
C GLU B 311 9.58 13.60 -0.32
N PHE B 312 9.62 14.48 0.69
CA PHE B 312 10.87 14.63 1.44
C PHE B 312 11.26 13.40 2.29
N ASP B 313 10.34 12.51 2.64
CA ASP B 313 10.71 11.26 3.35
C ASP B 313 11.08 10.12 2.39
N GLY B 314 11.09 10.38 1.08
CA GLY B 314 11.49 9.43 0.05
C GLY B 314 10.50 8.34 -0.24
N SER B 315 9.29 8.44 0.33
CA SER B 315 8.20 7.51 0.03
C SER B 315 7.91 7.49 -1.45
N ASP B 316 7.50 6.32 -1.94
CA ASP B 316 6.98 6.28 -3.31
C ASP B 316 5.68 7.07 -3.40
N SER B 317 4.86 7.03 -2.34
CA SER B 317 3.58 7.76 -2.37
C SER B 317 3.79 9.24 -2.62
N GLY B 318 4.82 9.84 -2.00
CA GLY B 318 5.09 11.25 -2.15
C GLY B 318 6.03 11.66 -3.27
N ALA B 319 6.53 10.70 -4.04
CA ALA B 319 7.44 11.00 -5.13
C ALA B 319 6.73 11.81 -6.24
N ARG B 320 7.46 12.74 -6.83
CA ARG B 320 6.97 13.42 -8.02
C ARG B 320 6.93 12.46 -9.20
N PRO B 321 6.11 12.74 -10.21
CA PRO B 321 6.11 11.92 -11.44
C PRO B 321 7.49 11.73 -12.06
N ASP B 322 8.33 12.77 -11.95
CA ASP B 322 9.65 12.74 -12.55
C ASP B 322 10.52 11.65 -11.94
N GLU B 323 10.18 11.18 -10.75
CA GLU B 323 10.88 10.00 -10.23
C GLU B 323 10.56 8.77 -11.08
N ALA B 324 9.28 8.60 -11.43
CA ALA B 324 8.87 7.49 -12.28
C ALA B 324 9.53 7.56 -13.66
N VAL B 325 9.80 8.77 -14.15
CA VAL B 325 10.54 8.93 -15.41
C VAL B 325 11.92 8.29 -15.29
N SER B 326 12.59 8.51 -14.14
CA SER B 326 13.89 7.89 -13.85
C SER B 326 13.89 6.40 -14.10
N TRP B 327 12.76 5.73 -13.80
CA TRP B 327 12.63 4.27 -13.84
C TRP B 327 12.12 3.76 -15.18
N GLY B 328 11.58 4.63 -16.03
CA GLY B 328 10.93 4.18 -17.24
C GLY B 328 9.45 3.85 -17.09
N LYS B 329 8.87 4.27 -15.97
CA LYS B 329 7.48 4.03 -15.67
C LYS B 329 6.60 5.07 -16.36
N ILE B 330 7.17 6.22 -16.60
CA ILE B 330 6.56 7.26 -17.43
C ILE B 330 7.57 7.60 -18.52
N ARG B 331 7.10 7.72 -19.75
CA ARG B 331 7.99 8.05 -20.86
C ARG B 331 8.64 9.42 -20.67
N VAL B 332 9.83 9.55 -21.26
CA VAL B 332 10.58 10.80 -21.19
C VAL B 332 9.85 11.92 -21.92
N ASP B 333 9.16 11.62 -23.02
CA ASP B 333 8.50 12.67 -23.78
C ASP B 333 7.10 13.00 -23.24
N ALA B 334 6.67 12.33 -22.17
CA ALA B 334 5.40 12.63 -21.53
C ALA B 334 5.50 13.94 -20.74
N GLN B 335 4.35 14.52 -20.46
CA GLN B 335 4.24 15.74 -19.66
C GLN B 335 3.32 15.43 -18.49
N PRO B 336 3.75 14.56 -17.59
CA PRO B 336 2.91 14.17 -16.45
C PRO B 336 2.69 15.34 -15.52
N VAL B 337 1.63 15.20 -14.73
CA VAL B 337 1.12 16.27 -13.90
C VAL B 337 0.81 15.66 -12.56
N LYS B 338 1.28 16.29 -11.49
CA LYS B 338 0.81 16.02 -10.13
C LYS B 338 0.04 17.23 -9.62
N VAL B 339 -1.16 16.99 -9.11
CA VAL B 339 -1.95 18.02 -8.43
C VAL B 339 -1.88 17.70 -6.95
N TYR B 340 -1.32 18.63 -6.14
CA TYR B 340 -1.18 18.43 -4.69
C TYR B 340 -2.48 18.94 -4.09
N ALA B 341 -3.43 18.03 -3.95
CA ALA B 341 -4.74 18.35 -3.39
C ALA B 341 -5.42 17.05 -2.97
N ASP B 342 -6.34 17.18 -2.01
CA ASP B 342 -7.29 16.13 -1.65
C ASP B 342 -8.21 15.83 -2.83
N ALA B 343 -8.18 14.57 -3.28
CA ALA B 343 -8.91 14.20 -4.49
C ALA B 343 -10.41 14.39 -4.33
N SER B 344 -10.92 14.46 -3.09
CA SER B 344 -12.36 14.63 -2.91
C SER B 344 -12.80 15.98 -3.45
N LEU B 345 -11.89 16.93 -3.46
CA LEU B 345 -12.16 18.24 -4.02
C LEU B 345 -11.95 18.28 -5.53
N VAL B 346 -10.82 17.74 -5.99
CA VAL B 346 -10.34 17.93 -7.36
CA VAL B 346 -10.49 18.03 -7.38
C VAL B 346 -10.99 16.96 -8.34
N PHE B 347 -11.21 15.72 -7.89
CA PHE B 347 -11.52 14.73 -8.92
C PHE B 347 -12.88 14.99 -9.57
N PRO B 348 -13.93 15.38 -8.84
CA PRO B 348 -15.21 15.65 -9.53
C PRO B 348 -15.09 16.79 -10.52
N LEU B 349 -14.29 17.81 -10.20
CA LEU B 349 -14.05 18.92 -11.12
C LEU B 349 -13.31 18.45 -12.37
N LEU B 350 -12.26 17.65 -12.18
CA LEU B 350 -11.52 17.08 -13.31
C LEU B 350 -12.45 16.31 -14.24
N VAL B 351 -13.28 15.44 -13.66
CA VAL B 351 -14.20 14.62 -14.47
C VAL B 351 -15.19 15.52 -15.23
N ALA B 352 -15.74 16.51 -14.54
CA ALA B 352 -16.63 17.47 -15.18
C ALA B 352 -16.04 18.09 -16.46
N GLU B 353 -14.76 18.45 -16.42
CA GLU B 353 -14.10 19.12 -17.53
C GLU B 353 -13.48 18.17 -18.54
N THR B 354 -13.53 16.86 -18.33
CA THR B 354 -12.90 15.90 -19.23
C THR B 354 -13.91 14.85 -19.67
N PHE B 355 -14.02 13.76 -18.90
CA PHE B 355 -14.83 12.64 -19.33
C PHE B 355 -16.29 13.03 -19.54
N ALA B 356 -16.87 13.80 -18.61
CA ALA B 356 -18.29 14.12 -18.71
C ALA B 356 -18.63 14.97 -19.94
N GLN B 357 -17.67 15.70 -20.49
CA GLN B 357 -17.91 16.44 -21.74
C GLN B 357 -17.92 15.56 -22.99
N LYS B 358 -17.57 14.30 -22.86
CA LYS B 358 -17.55 13.41 -23.99
C LYS B 358 -18.40 12.21 -23.78
N MET B 359 -19.35 12.34 -22.91
CA MET B 359 -20.24 11.24 -22.59
CA MET B 359 -20.29 11.29 -22.58
C MET B 359 -20.88 10.64 -23.84
N ASP B 360 -21.23 11.44 -24.80
CA ASP B 360 -21.87 10.91 -25.99
C ASP B 360 -20.99 9.97 -26.73
N ALA B 361 -19.70 10.17 -26.68
CA ALA B 361 -18.76 9.33 -27.43
C ALA B 361 -18.57 7.97 -26.79
N PHE B 362 -18.98 7.80 -25.54
CA PHE B 362 -18.74 6.58 -24.81
C PHE B 362 -19.99 5.69 -24.72
N MET B 363 -21.15 6.21 -25.10
CA MET B 363 -22.38 5.42 -25.10
C MET B 363 -22.73 4.90 -26.49
#